data_5CPM
#
_entry.id   5CPM
#
_cell.length_a   57.368
_cell.length_b   83.991
_cell.length_c   157.991
_cell.angle_alpha   90.00
_cell.angle_beta   90.00
_cell.angle_gamma   90.00
#
_symmetry.space_group_name_H-M   'P 2 21 21'
#
loop_
_entity.id
_entity.type
_entity.pdbx_description
1 polymer 'Xenobiotic reductase'
2 non-polymer 'NADPH DIHYDRO-NICOTINAMIDE-ADENINE-DINUCLEOTIDE PHOSPHATE'
3 non-polymer 1-DEOXY-1-(7,8-DIMETHYL-2,4-DIOXO-3,4-DIHYDRO-2H-BENZO[G]PTERIDIN-1-ID-10(5H)-YL)-5-O-PHOSPHONATO-D-RIBITOL
4 water water
#
_entity_poly.entity_id   1
_entity_poly.type   'polypeptide(L)'
_entity_poly.pdbx_seq_one_letter_code
;MSALFEPYTLKDVTLRNRIAIPPMCQYMAEDGLINDWHQVHYASMARGGAGLLVVEATAVAPEGRITPGCAGIWSDAHAQ
AFVPVVQAIKAAGSVPGIQIAHAGRKASANRPWEGDDHIGADDARGWETIAPSAIAFGAHLPNVPRAMTLDDIARVKQDF
VDAARRARDAGFEWIELHFAHGYLGQSFFSEHSNKRTDAYGGSFDNRSRFLLETLAAVREVWPENLPLTARFGVLEYDGR
DEQTLEESIELARRFKAGGLDLLSVSVGFTIPETNIPWGPAFMGPIAERVRREAKLPVTSAWGFGTPQLAEAALQANQLD
LVSVGRAHLADPHWAYFAAKELGVEKASWTLPAPYAHWLERYRRPHHHHHH
;
_entity_poly.pdbx_strand_id   A,B
#
# COMPACT_ATOMS: atom_id res chain seq x y z
N SER A 2 -6.20 -14.33 -20.41
CA SER A 2 -5.01 -14.66 -19.65
C SER A 2 -5.31 -15.73 -18.59
N ALA A 3 -4.51 -16.79 -18.58
CA ALA A 3 -4.66 -17.85 -17.59
C ALA A 3 -4.43 -17.30 -16.19
N LEU A 4 -3.57 -16.30 -16.08
CA LEU A 4 -3.23 -15.72 -14.79
C LEU A 4 -4.43 -15.07 -14.13
N PHE A 5 -5.40 -14.63 -14.93
CA PHE A 5 -6.56 -13.96 -14.36
C PHE A 5 -7.85 -14.77 -14.44
N GLU A 6 -7.73 -16.08 -14.64
CA GLU A 6 -8.86 -16.99 -14.48
C GLU A 6 -9.08 -17.26 -12.99
N PRO A 7 -10.34 -17.31 -12.55
CA PRO A 7 -10.58 -17.68 -11.16
C PRO A 7 -10.18 -19.12 -10.85
N TYR A 8 -10.06 -19.42 -9.55
CA TYR A 8 -9.69 -20.76 -9.10
C TYR A 8 -10.57 -21.16 -7.91
N THR A 9 -11.19 -22.34 -7.98
CA THR A 9 -12.00 -22.81 -6.88
C THR A 9 -11.38 -24.04 -6.24
N LEU A 10 -11.24 -24.01 -4.93
CA LEU A 10 -10.72 -25.13 -4.17
C LEU A 10 -11.54 -25.24 -2.91
N LYS A 11 -12.16 -26.41 -2.70
CA LYS A 11 -13.19 -26.58 -1.69
C LYS A 11 -14.25 -25.48 -1.88
N ASP A 12 -14.58 -24.75 -0.82
CA ASP A 12 -15.63 -23.73 -0.93
C ASP A 12 -15.08 -22.34 -1.23
N VAL A 13 -13.76 -22.26 -1.47
CA VAL A 13 -13.12 -20.96 -1.66
C VAL A 13 -12.89 -20.69 -3.14
N THR A 14 -13.24 -19.48 -3.59
CA THR A 14 -12.97 -19.08 -4.95
C THR A 14 -12.06 -17.85 -4.99
N LEU A 15 -10.92 -18.01 -5.65
CA LEU A 15 -9.97 -16.91 -5.84
C LEU A 15 -10.29 -16.22 -7.15
N ARG A 16 -10.20 -14.89 -7.17
CA ARG A 16 -10.58 -14.11 -8.34
C ARG A 16 -9.58 -14.21 -9.50
N ASN A 17 -8.35 -14.65 -9.21
CA ASN A 17 -7.34 -14.90 -10.25
C ASN A 17 -6.35 -15.92 -9.71
N ARG A 18 -5.27 -16.16 -10.45
CA ARG A 18 -4.32 -17.20 -10.10
C ARG A 18 -3.09 -16.64 -9.39
N ILE A 19 -3.15 -15.35 -9.03
CA ILE A 19 -2.04 -14.70 -8.35
C ILE A 19 -2.13 -14.90 -6.85
N ALA A 20 -1.13 -15.54 -6.27
CA ALA A 20 -1.06 -15.71 -4.83
C ALA A 20 0.13 -14.92 -4.29
N ILE A 21 -0.08 -14.24 -3.17
CA ILE A 21 1.05 -13.64 -2.47
C ILE A 21 1.48 -14.66 -1.42
N PRO A 22 2.69 -15.20 -1.56
CA PRO A 22 3.15 -16.23 -0.62
C PRO A 22 3.50 -15.60 0.71
N PRO A 23 3.60 -16.41 1.76
CA PRO A 23 3.98 -15.87 3.07
C PRO A 23 5.33 -15.17 3.02
N MET A 24 5.41 -13.95 3.55
CA MET A 24 6.67 -13.23 3.65
C MET A 24 6.82 -12.55 5.01
N CYS A 25 7.69 -13.12 5.84
CA CYS A 25 8.05 -12.55 7.13
C CYS A 25 8.38 -11.07 7.04
N GLN A 26 7.83 -10.29 7.97
CA GLN A 26 8.04 -8.85 8.01
C GLN A 26 8.98 -8.46 9.15
N TYR A 27 9.12 -9.35 10.14
CA TYR A 27 10.00 -9.15 11.29
C TYR A 27 9.67 -7.86 12.05
N MET A 28 8.40 -7.50 12.07
CA MET A 28 7.98 -6.24 12.71
C MET A 28 7.04 -6.43 13.89
N ALA A 29 6.78 -7.68 14.28
CA ALA A 29 5.92 -7.97 15.42
C ALA A 29 6.68 -7.81 16.73
N GLU A 30 5.95 -7.67 17.84
CA GLU A 30 6.56 -7.55 19.15
C GLU A 30 5.88 -8.56 20.05
N ASP A 31 6.69 -9.46 20.63
CA ASP A 31 6.14 -10.55 21.43
CA ASP A 31 6.20 -10.61 21.41
C ASP A 31 5.08 -11.32 20.65
N GLY A 32 5.32 -11.50 19.35
CA GLY A 32 4.40 -12.21 18.49
C GLY A 32 3.19 -11.43 18.00
N LEU A 33 2.95 -10.24 18.57
CA LEU A 33 1.75 -9.48 18.23
C LEU A 33 1.97 -8.61 17.00
N ILE A 34 1.12 -8.76 15.99
CA ILE A 34 1.25 -7.91 14.80
C ILE A 34 0.73 -6.53 15.16
N ASN A 35 0.96 -5.58 14.27
CA ASN A 35 0.61 -4.19 14.57
C ASN A 35 0.35 -3.40 13.29
N ASP A 36 0.44 -2.07 13.37
CA ASP A 36 0.13 -1.22 12.23
C ASP A 36 1.01 -1.49 11.01
N TRP A 37 2.21 -2.03 11.22
CA TRP A 37 3.05 -2.35 10.08
C TRP A 37 2.32 -3.34 9.22
N HIS A 38 1.89 -4.43 9.87
CA HIS A 38 1.24 -5.52 9.16
C HIS A 38 -0.12 -5.13 8.60
N GLN A 39 -0.86 -4.30 9.35
CA GLN A 39 -2.20 -3.93 8.94
C GLN A 39 -2.17 -3.24 7.56
N VAL A 40 -1.29 -2.25 7.42
CA VAL A 40 -1.20 -1.49 6.17
C VAL A 40 -0.55 -2.35 5.08
N HIS A 41 0.49 -3.08 5.45
CA HIS A 41 1.22 -3.96 4.53
C HIS A 41 0.28 -4.95 3.83
N TYR A 42 -0.51 -5.67 4.62
CA TYR A 42 -1.38 -6.69 4.05
C TYR A 42 -2.58 -6.08 3.33
N ALA A 43 -3.15 -5.02 3.89
CA ALA A 43 -4.33 -4.42 3.27
C ALA A 43 -3.97 -3.83 1.91
N SER A 44 -2.81 -3.19 1.83
CA SER A 44 -2.40 -2.55 0.58
C SER A 44 -2.19 -3.59 -0.52
N MET A 45 -1.50 -4.69 -0.19
CA MET A 45 -1.24 -5.73 -1.19
C MET A 45 -2.55 -6.39 -1.65
N ALA A 46 -3.47 -6.59 -0.71
CA ALA A 46 -4.76 -7.19 -1.05
C ALA A 46 -5.53 -6.30 -2.01
N ARG A 47 -5.51 -4.98 -1.78
CA ARG A 47 -6.15 -4.05 -2.69
C ARG A 47 -5.47 -4.03 -4.06
N GLY A 48 -4.22 -4.48 -4.10
CA GLY A 48 -3.48 -4.53 -5.35
C GLY A 48 -4.02 -5.51 -6.38
N GLY A 49 -4.82 -6.48 -5.94
CA GLY A 49 -5.52 -7.35 -6.87
C GLY A 49 -5.28 -8.85 -6.76
N ALA A 50 -4.26 -9.25 -6.01
CA ALA A 50 -3.97 -10.69 -5.84
C ALA A 50 -5.20 -11.42 -5.32
N GLY A 51 -5.46 -12.61 -5.86
CA GLY A 51 -6.63 -13.37 -5.44
C GLY A 51 -6.50 -14.05 -4.09
N LEU A 52 -5.26 -14.31 -3.69
CA LEU A 52 -4.99 -15.00 -2.43
C LEU A 52 -3.82 -14.33 -1.74
N LEU A 53 -3.95 -14.04 -0.45
CA LEU A 53 -2.84 -13.50 0.32
C LEU A 53 -2.60 -14.38 1.54
N VAL A 54 -1.48 -15.10 1.50
CA VAL A 54 -1.10 -15.94 2.64
C VAL A 54 -0.20 -15.14 3.58
N VAL A 55 -0.70 -14.89 4.77
CA VAL A 55 0.06 -14.18 5.79
C VAL A 55 1.34 -14.95 6.16
N GLU A 56 2.40 -14.19 6.40
CA GLU A 56 3.73 -14.66 6.79
C GLU A 56 3.76 -15.77 7.83
N ALA A 57 4.87 -16.52 7.84
CA ALA A 57 5.12 -17.56 8.85
C ALA A 57 4.80 -17.05 10.25
N THR A 58 3.82 -17.68 10.87
CA THR A 58 3.30 -17.23 12.16
C THR A 58 3.52 -18.35 13.15
N ALA A 59 4.30 -18.08 14.20
CA ALA A 59 4.78 -19.11 15.10
C ALA A 59 3.67 -19.70 15.96
N VAL A 60 3.63 -21.03 16.07
CA VAL A 60 2.65 -21.73 16.89
C VAL A 60 3.04 -21.70 18.36
N ALA A 61 4.27 -21.27 18.63
CA ALA A 61 4.84 -21.22 19.98
C ALA A 61 5.98 -20.21 19.98
N PRO A 62 6.24 -19.56 21.14
CA PRO A 62 7.26 -18.50 21.15
C PRO A 62 8.62 -18.94 20.63
N GLU A 63 9.06 -20.14 21.01
CA GLU A 63 10.39 -20.61 20.62
C GLU A 63 10.41 -21.01 19.15
N GLY A 64 9.23 -21.05 18.52
CA GLY A 64 9.12 -21.36 17.11
C GLY A 64 9.18 -20.16 16.20
N ARG A 65 9.30 -18.96 16.78
CA ARG A 65 9.61 -17.78 15.97
C ARG A 65 10.98 -17.93 15.34
N ILE A 66 11.20 -17.31 14.18
CA ILE A 66 12.57 -17.26 13.66
C ILE A 66 13.33 -16.24 14.47
N THR A 67 12.70 -15.08 14.71
CA THR A 67 13.35 -13.90 15.27
C THR A 67 12.48 -13.23 16.31
N PRO A 68 13.07 -12.26 17.07
CA PRO A 68 12.24 -11.49 18.00
C PRO A 68 11.14 -10.66 17.31
N GLY A 69 11.21 -10.51 15.99
CA GLY A 69 10.20 -9.76 15.28
C GLY A 69 9.13 -10.59 14.59
N CYS A 70 9.15 -11.92 14.80
CA CYS A 70 8.21 -12.77 14.10
C CYS A 70 6.80 -12.76 14.72
N ALA A 71 5.80 -12.89 13.85
CA ALA A 71 4.42 -12.97 14.30
C ALA A 71 4.16 -14.30 14.99
N GLY A 72 3.20 -14.31 15.91
CA GLY A 72 2.81 -15.52 16.62
C GLY A 72 1.30 -15.68 16.72
N ILE A 73 0.86 -16.91 16.97
CA ILE A 73 -0.55 -17.15 17.19
C ILE A 73 -0.72 -18.16 18.33
N TRP A 74 0.14 -18.05 19.33
CA TRP A 74 0.19 -19.04 20.41
C TRP A 74 -0.72 -18.69 21.59
N SER A 75 -1.58 -17.69 21.41
CA SER A 75 -2.64 -17.41 22.37
C SER A 75 -3.84 -16.81 21.64
N ASP A 76 -5.00 -16.77 22.30
CA ASP A 76 -6.20 -16.21 21.72
C ASP A 76 -6.04 -14.71 21.45
N ALA A 77 -5.32 -14.00 22.32
CA ALA A 77 -5.04 -12.59 22.11
C ALA A 77 -4.22 -12.36 20.83
N HIS A 78 -3.25 -13.25 20.57
CA HIS A 78 -2.47 -13.19 19.34
C HIS A 78 -3.37 -13.36 18.11
N ALA A 79 -4.31 -14.32 18.20
CA ALA A 79 -5.24 -14.59 17.11
C ALA A 79 -6.15 -13.39 16.84
N GLN A 80 -6.67 -12.77 17.91
CA GLN A 80 -7.56 -11.62 17.77
CA GLN A 80 -7.57 -11.63 17.71
C GLN A 80 -6.85 -10.48 17.02
N ALA A 81 -5.55 -10.36 17.23
CA ALA A 81 -4.78 -9.33 16.55
C ALA A 81 -4.81 -9.48 15.02
N PHE A 82 -5.04 -10.69 14.53
CA PHE A 82 -5.10 -10.92 13.08
C PHE A 82 -6.45 -10.55 12.48
N VAL A 83 -7.48 -10.44 13.30
CA VAL A 83 -8.84 -10.22 12.79
C VAL A 83 -8.92 -8.98 11.88
N PRO A 84 -8.33 -7.84 12.28
CA PRO A 84 -8.38 -6.70 11.34
C PRO A 84 -7.68 -6.94 10.01
N VAL A 85 -6.67 -7.81 10.01
CA VAL A 85 -5.95 -8.16 8.79
C VAL A 85 -6.82 -9.05 7.91
N VAL A 86 -7.45 -10.06 8.51
CA VAL A 86 -8.41 -10.89 7.81
C VAL A 86 -9.51 -10.05 7.19
N GLN A 87 -10.07 -9.14 7.98
CA GLN A 87 -11.15 -8.31 7.48
C GLN A 87 -10.72 -7.40 6.34
N ALA A 88 -9.51 -6.85 6.42
CA ALA A 88 -9.02 -5.94 5.37
C ALA A 88 -8.76 -6.68 4.07
N ILE A 89 -8.23 -7.89 4.17
CA ILE A 89 -7.96 -8.71 3.00
C ILE A 89 -9.27 -9.08 2.29
N LYS A 90 -10.24 -9.54 3.07
CA LYS A 90 -11.57 -9.83 2.54
C LYS A 90 -12.24 -8.60 1.92
N ALA A 91 -12.16 -7.47 2.61
CA ALA A 91 -12.80 -6.24 2.12
C ALA A 91 -12.26 -5.83 0.77
N ALA A 92 -11.01 -6.21 0.48
CA ALA A 92 -10.37 -5.87 -0.79
C ALA A 92 -10.73 -6.86 -1.89
N GLY A 93 -11.45 -7.92 -1.54
CA GLY A 93 -11.85 -8.92 -2.51
C GLY A 93 -10.84 -10.06 -2.67
N SER A 94 -9.83 -10.06 -1.82
CA SER A 94 -8.84 -11.12 -1.82
C SER A 94 -9.23 -12.17 -0.78
N VAL A 95 -8.53 -13.29 -0.76
CA VAL A 95 -8.82 -14.35 0.19
C VAL A 95 -7.71 -14.43 1.22
N PRO A 96 -8.06 -14.37 2.52
CA PRO A 96 -7.04 -14.39 3.56
C PRO A 96 -6.58 -15.80 3.93
N GLY A 97 -5.27 -16.02 3.81
CA GLY A 97 -4.68 -17.26 4.28
C GLY A 97 -3.61 -16.96 5.31
N ILE A 98 -3.15 -17.99 6.00
CA ILE A 98 -2.04 -17.82 6.94
C ILE A 98 -1.15 -19.06 6.94
N GLN A 99 0.16 -18.82 7.03
CA GLN A 99 1.10 -19.90 7.20
C GLN A 99 1.46 -20.05 8.68
N ILE A 100 1.17 -21.21 9.26
CA ILE A 100 1.55 -21.46 10.65
C ILE A 100 2.82 -22.32 10.68
N ALA A 101 3.68 -22.00 11.63
CA ALA A 101 5.10 -22.35 11.50
C ALA A 101 5.78 -22.64 12.83
N HIS A 102 6.92 -23.31 12.75
CA HIS A 102 7.83 -23.46 13.88
C HIS A 102 9.23 -23.55 13.32
N ALA A 103 10.07 -22.58 13.69
CA ALA A 103 11.37 -22.43 13.05
C ALA A 103 12.41 -23.50 13.44
N GLY A 104 12.12 -24.32 14.45
CA GLY A 104 13.04 -25.37 14.80
C GLY A 104 14.45 -24.86 15.09
N ARG A 105 15.46 -25.44 14.44
CA ARG A 105 16.82 -25.09 14.79
C ARG A 105 17.23 -23.76 14.17
N LYS A 106 16.44 -23.23 13.24
CA LYS A 106 16.72 -21.91 12.65
C LYS A 106 16.12 -20.77 13.48
N ALA A 107 15.51 -21.11 14.61
CA ALA A 107 14.93 -20.12 15.53
C ALA A 107 15.99 -19.32 16.30
N SER A 108 15.54 -18.30 17.03
CA SER A 108 16.40 -17.47 17.86
C SER A 108 17.49 -16.78 17.03
N ALA A 109 17.07 -16.20 15.91
CA ALA A 109 17.97 -15.51 15.01
C ALA A 109 17.66 -14.02 14.98
N ASN A 110 18.65 -13.23 14.60
CA ASN A 110 18.46 -11.81 14.38
C ASN A 110 17.61 -11.53 13.16
N ARG A 111 16.99 -10.36 13.12
CA ARG A 111 16.29 -9.90 11.91
CA ARG A 111 16.29 -9.90 11.91
C ARG A 111 17.30 -9.86 10.77
N PRO A 112 16.83 -10.04 9.52
CA PRO A 112 17.78 -10.12 8.40
C PRO A 112 18.68 -8.89 8.22
N TRP A 113 18.17 -7.71 8.52
CA TRP A 113 18.95 -6.48 8.38
C TRP A 113 19.68 -6.14 9.68
N GLU A 114 19.64 -7.07 10.62
CA GLU A 114 20.32 -6.88 11.90
C GLU A 114 21.26 -8.06 12.16
N GLY A 115 21.82 -8.58 11.07
CA GLY A 115 22.83 -9.62 11.16
C GLY A 115 22.43 -10.94 10.53
N ASP A 116 21.14 -11.28 10.64
CA ASP A 116 20.56 -12.46 10.02
C ASP A 116 21.12 -13.76 10.59
N ASP A 117 21.83 -13.65 11.72
CA ASP A 117 22.53 -14.79 12.31
C ASP A 117 21.93 -15.19 13.64
N HIS A 118 22.37 -16.33 14.18
CA HIS A 118 21.86 -16.77 15.48
C HIS A 118 22.23 -15.74 16.54
N ILE A 119 21.28 -15.48 17.42
CA ILE A 119 21.49 -14.59 18.55
C ILE A 119 22.47 -15.27 19.50
N GLY A 120 23.47 -14.53 19.96
CA GLY A 120 24.46 -15.08 20.87
C GLY A 120 23.92 -15.39 22.26
N ALA A 121 24.61 -16.27 22.98
CA ALA A 121 24.18 -16.71 24.30
C ALA A 121 24.13 -15.56 25.31
N ASP A 122 24.97 -14.56 25.10
CA ASP A 122 25.09 -13.42 26.00
C ASP A 122 24.00 -12.38 25.76
N ASP A 123 23.19 -12.62 24.74
CA ASP A 123 22.14 -11.71 24.33
C ASP A 123 20.79 -12.22 24.84
N ALA A 124 20.17 -11.49 25.77
CA ALA A 124 18.98 -11.95 26.46
C ALA A 124 17.75 -12.04 25.54
N ARG A 125 17.88 -11.55 24.31
CA ARG A 125 16.79 -11.65 23.36
C ARG A 125 16.64 -13.07 22.84
N GLY A 126 17.68 -13.87 23.00
CA GLY A 126 17.69 -15.22 22.44
C GLY A 126 17.00 -16.26 23.30
N TRP A 127 16.86 -17.46 22.76
CA TRP A 127 16.20 -18.54 23.49
C TRP A 127 16.71 -19.89 23.01
N GLU A 128 16.49 -20.93 23.80
CA GLU A 128 16.90 -22.26 23.41
C GLU A 128 16.03 -22.77 22.26
N THR A 129 16.67 -23.34 21.24
CA THR A 129 15.94 -23.88 20.10
C THR A 129 15.72 -25.39 20.27
N ILE A 130 14.72 -25.90 19.56
CA ILE A 130 14.43 -27.34 19.60
C ILE A 130 14.38 -27.88 18.17
N ALA A 131 14.69 -29.17 18.03
CA ALA A 131 14.79 -29.80 16.72
C ALA A 131 14.67 -31.31 16.89
N PRO A 132 14.54 -32.06 15.78
CA PRO A 132 14.54 -33.53 15.98
C PRO A 132 15.82 -34.03 16.66
N SER A 133 16.97 -33.45 16.32
CA SER A 133 18.25 -33.89 16.86
C SER A 133 19.16 -32.72 17.19
N ALA A 134 20.08 -32.95 18.11
CA ALA A 134 21.02 -31.92 18.57
C ALA A 134 22.13 -31.73 17.55
N ILE A 135 21.77 -31.15 16.41
CA ILE A 135 22.73 -30.87 15.34
CA ILE A 135 22.74 -30.87 15.36
C ILE A 135 22.45 -29.49 14.76
N ALA A 136 23.50 -28.68 14.62
CA ALA A 136 23.35 -27.32 14.13
C ALA A 136 23.29 -27.27 12.61
N PHE A 137 22.57 -26.28 12.10
CA PHE A 137 22.54 -25.97 10.68
C PHE A 137 23.96 -25.68 10.19
N GLY A 138 24.67 -24.85 10.96
CA GLY A 138 26.01 -24.44 10.61
C GLY A 138 26.05 -23.04 10.07
N ALA A 139 27.16 -22.68 9.43
CA ALA A 139 27.36 -21.34 8.87
C ALA A 139 26.97 -20.26 9.89
N HIS A 140 26.04 -19.39 9.48
CA HIS A 140 25.61 -18.25 10.30
C HIS A 140 24.56 -18.65 11.34
N LEU A 141 24.22 -19.93 11.35
CA LEU A 141 23.29 -20.48 12.34
C LEU A 141 23.94 -21.62 13.13
N PRO A 142 24.97 -21.30 13.94
CA PRO A 142 25.75 -22.35 14.61
C PRO A 142 25.13 -22.92 15.89
N ASN A 143 24.07 -22.31 16.41
CA ASN A 143 23.49 -22.78 17.68
C ASN A 143 22.98 -24.21 17.57
N VAL A 144 23.39 -25.04 18.53
CA VAL A 144 22.97 -26.43 18.55
C VAL A 144 21.62 -26.51 19.26
N PRO A 145 20.61 -27.05 18.57
CA PRO A 145 19.27 -27.17 19.15
C PRO A 145 19.22 -28.29 20.19
N ARG A 146 18.23 -28.22 21.08
CA ARG A 146 17.95 -29.33 21.98
C ARG A 146 17.11 -30.37 21.24
N ALA A 147 17.47 -31.65 21.36
CA ALA A 147 16.71 -32.70 20.72
C ALA A 147 15.38 -32.88 21.43
N MET A 148 14.28 -32.85 20.67
CA MET A 148 12.95 -32.91 21.26
C MET A 148 12.66 -34.21 21.99
N THR A 149 11.94 -34.09 23.11
CA THR A 149 11.42 -35.25 23.81
C THR A 149 10.11 -35.67 23.17
N LEU A 150 9.61 -36.84 23.55
CA LEU A 150 8.30 -37.27 23.08
C LEU A 150 7.23 -36.29 23.57
N ASP A 151 7.39 -35.77 24.79
CA ASP A 151 6.43 -34.78 25.29
C ASP A 151 6.51 -33.49 24.47
N ASP A 152 7.73 -33.09 24.08
CA ASP A 152 7.89 -31.93 23.19
C ASP A 152 7.13 -32.14 21.88
N ILE A 153 7.25 -33.34 21.33
CA ILE A 153 6.60 -33.66 20.06
C ILE A 153 5.08 -33.55 20.20
N ALA A 154 4.54 -34.10 21.29
CA ALA A 154 3.11 -34.00 21.54
C ALA A 154 2.69 -32.54 21.72
N ARG A 155 3.52 -31.77 22.41
CA ARG A 155 3.19 -30.38 22.71
C ARG A 155 3.18 -29.55 21.43
N VAL A 156 4.19 -29.73 20.59
CA VAL A 156 4.26 -28.92 19.38
C VAL A 156 3.10 -29.28 18.44
N LYS A 157 2.76 -30.57 18.32
CA LYS A 157 1.59 -30.93 17.52
C LYS A 157 0.35 -30.22 18.04
N GLN A 158 0.16 -30.20 19.36
CA GLN A 158 -1.00 -29.54 19.94
C GLN A 158 -0.95 -28.02 19.68
N ASP A 159 0.25 -27.45 19.65
CA ASP A 159 0.41 -26.02 19.33
C ASP A 159 -0.03 -25.75 17.89
N PHE A 160 0.29 -26.65 16.97
CA PHE A 160 -0.21 -26.52 15.60
C PHE A 160 -1.73 -26.61 15.56
N VAL A 161 -2.31 -27.55 16.30
CA VAL A 161 -3.76 -27.66 16.36
C VAL A 161 -4.40 -26.37 16.88
N ASP A 162 -3.88 -25.85 18.00
CA ASP A 162 -4.41 -24.63 18.62
C ASP A 162 -4.27 -23.45 17.67
N ALA A 163 -3.13 -23.41 16.96
CA ALA A 163 -2.89 -22.34 16.00
C ALA A 163 -3.91 -22.41 14.87
N ALA A 164 -4.19 -23.63 14.39
CA ALA A 164 -5.17 -23.83 13.33
C ALA A 164 -6.59 -23.48 13.80
N ARG A 165 -6.93 -23.86 15.03
CA ARG A 165 -8.22 -23.49 15.59
C ARG A 165 -8.35 -21.97 15.68
N ARG A 166 -7.29 -21.32 16.12
CA ARG A 166 -7.29 -19.87 16.23
C ARG A 166 -7.41 -19.21 14.87
N ALA A 167 -6.68 -19.73 13.89
CA ALA A 167 -6.74 -19.16 12.54
C ALA A 167 -8.15 -19.28 12.00
N ARG A 168 -8.75 -20.44 12.23
CA ARG A 168 -10.14 -20.70 11.84
C ARG A 168 -11.08 -19.66 12.44
N ASP A 169 -11.02 -19.51 13.76
CA ASP A 169 -11.95 -18.65 14.47
C ASP A 169 -11.70 -17.16 14.17
N ALA A 170 -10.48 -16.83 13.72
CA ALA A 170 -10.14 -15.45 13.34
C ALA A 170 -10.66 -15.11 11.94
N GLY A 171 -11.11 -16.12 11.20
CA GLY A 171 -11.71 -15.90 9.91
C GLY A 171 -10.85 -16.19 8.69
N PHE A 172 -9.66 -16.77 8.89
CA PHE A 172 -8.86 -17.15 7.74
C PHE A 172 -9.58 -18.23 6.93
N GLU A 173 -9.43 -18.19 5.61
CA GLU A 173 -10.16 -19.09 4.73
C GLU A 173 -9.25 -20.10 4.05
N TRP A 174 -8.00 -20.11 4.49
CA TRP A 174 -6.95 -20.85 3.80
C TRP A 174 -5.81 -21.02 4.78
N ILE A 175 -5.34 -22.25 5.00
CA ILE A 175 -4.25 -22.44 5.95
C ILE A 175 -3.09 -23.16 5.25
N GLU A 176 -1.87 -22.81 5.64
CA GLU A 176 -0.68 -23.47 5.09
C GLU A 176 0.24 -23.92 6.22
N LEU A 177 0.50 -25.22 6.29
CA LEU A 177 1.45 -25.73 7.28
C LEU A 177 2.87 -25.55 6.76
N HIS A 178 3.74 -24.93 7.55
CA HIS A 178 5.10 -24.65 7.08
C HIS A 178 6.04 -25.82 7.31
N PHE A 179 6.07 -26.73 6.34
CA PHE A 179 6.93 -27.90 6.42
C PHE A 179 8.13 -27.75 5.49
N ALA A 180 8.54 -26.51 5.20
CA ALA A 180 9.62 -26.27 4.25
C ALA A 180 10.77 -25.46 4.87
N HIS A 181 11.80 -25.23 4.05
CA HIS A 181 12.82 -24.21 4.30
C HIS A 181 13.67 -24.50 5.54
N GLY A 182 13.75 -25.76 5.92
CA GLY A 182 14.69 -26.18 6.95
C GLY A 182 14.22 -25.94 8.37
N TYR A 183 12.98 -25.50 8.52
CA TYR A 183 12.42 -25.25 9.84
C TYR A 183 11.98 -26.59 10.43
N LEU A 184 11.16 -26.60 11.49
CA LEU A 184 10.97 -27.83 12.26
C LEU A 184 10.48 -29.00 11.40
N GLY A 185 9.38 -28.81 10.69
CA GLY A 185 8.80 -29.86 9.86
C GLY A 185 9.76 -30.42 8.83
N GLN A 186 10.41 -29.53 8.08
CA GLN A 186 11.37 -29.97 7.07
C GLN A 186 12.49 -30.75 7.74
N SER A 187 12.89 -30.34 8.93
CA SER A 187 14.05 -30.96 9.58
C SER A 187 13.73 -32.36 10.13
N PHE A 188 12.45 -32.63 10.40
CA PHE A 188 12.05 -34.00 10.74
C PHE A 188 12.15 -34.91 9.52
N PHE A 189 11.81 -34.39 8.34
CA PHE A 189 11.83 -35.24 7.16
C PHE A 189 13.25 -35.56 6.69
N SER A 190 14.14 -34.58 6.76
CA SER A 190 15.47 -34.74 6.17
C SER A 190 16.44 -35.57 7.02
N GLU A 191 17.13 -36.50 6.37
CA GLU A 191 18.15 -37.30 7.04
C GLU A 191 19.34 -36.45 7.48
N HIS A 192 19.52 -35.27 6.87
CA HIS A 192 20.60 -34.37 7.27
C HIS A 192 20.45 -33.93 8.71
N SER A 193 19.21 -33.67 9.10
CA SER A 193 18.92 -33.05 10.39
C SER A 193 18.32 -34.01 11.39
N ASN A 194 17.71 -35.09 10.90
CA ASN A 194 17.03 -36.05 11.75
C ASN A 194 17.88 -37.30 11.92
N LYS A 195 18.43 -37.46 13.12
CA LYS A 195 19.21 -38.65 13.47
C LYS A 195 18.53 -39.45 14.55
N ARG A 196 17.23 -39.23 14.75
CA ARG A 196 16.52 -39.91 15.82
C ARG A 196 16.47 -41.43 15.62
N THR A 197 16.41 -42.15 16.73
CA THR A 197 16.36 -43.61 16.69
C THR A 197 15.05 -44.13 17.26
N ASP A 198 14.11 -43.23 17.53
CA ASP A 198 12.77 -43.64 17.96
C ASP A 198 11.80 -43.66 16.79
N ALA A 199 10.51 -43.55 17.09
CA ALA A 199 9.48 -43.66 16.04
C ALA A 199 9.48 -42.48 15.09
N TYR A 200 10.26 -41.45 15.39
CA TYR A 200 10.23 -40.23 14.57
C TYR A 200 11.50 -40.02 13.75
N GLY A 201 12.37 -41.02 13.71
CA GLY A 201 13.57 -40.95 12.88
C GLY A 201 13.97 -42.28 12.27
N GLY A 202 14.83 -42.25 11.26
CA GLY A 202 15.31 -43.45 10.61
C GLY A 202 14.65 -43.70 9.27
N SER A 203 13.63 -44.55 9.28
CA SER A 203 12.94 -44.93 8.07
C SER A 203 12.17 -43.77 7.45
N PHE A 204 11.76 -43.96 6.20
CA PHE A 204 10.89 -43.02 5.52
C PHE A 204 9.60 -42.79 6.31
N ASP A 205 8.98 -43.88 6.78
CA ASP A 205 7.77 -43.76 7.59
C ASP A 205 8.02 -42.95 8.86
N ASN A 206 9.15 -43.17 9.51
CA ASN A 206 9.40 -42.50 10.78
C ASN A 206 9.71 -41.01 10.56
N ARG A 207 10.48 -40.70 9.52
CA ARG A 207 10.82 -39.31 9.24
C ARG A 207 9.59 -38.54 8.79
N SER A 208 8.67 -39.23 8.11
CA SER A 208 7.41 -38.64 7.67
C SER A 208 6.43 -38.43 8.83
N ARG A 209 6.64 -39.16 9.92
CA ARG A 209 5.62 -39.30 10.97
C ARG A 209 5.21 -37.96 11.61
N PHE A 210 6.17 -37.12 11.94
CA PHE A 210 5.83 -35.84 12.57
C PHE A 210 4.95 -35.02 11.64
N LEU A 211 5.28 -35.05 10.35
CA LEU A 211 4.54 -34.23 9.38
C LEU A 211 3.13 -34.78 9.17
N LEU A 212 3.01 -36.10 9.01
CA LEU A 212 1.70 -36.69 8.80
C LEU A 212 0.81 -36.57 10.04
N GLU A 213 1.39 -36.76 11.23
CA GLU A 213 0.62 -36.66 12.46
C GLU A 213 0.15 -35.22 12.71
N THR A 214 1.01 -34.25 12.39
CA THR A 214 0.64 -32.86 12.57
C THR A 214 -0.49 -32.50 11.59
N LEU A 215 -0.36 -32.93 10.34
CA LEU A 215 -1.43 -32.72 9.35
C LEU A 215 -2.74 -33.34 9.83
N ALA A 216 -2.68 -34.57 10.33
CA ALA A 216 -3.90 -35.24 10.77
C ALA A 216 -4.54 -34.53 11.97
N ALA A 217 -3.72 -34.02 12.87
CA ALA A 217 -4.24 -33.36 14.06
C ALA A 217 -4.87 -32.03 13.69
N VAL A 218 -4.24 -31.30 12.76
CA VAL A 218 -4.78 -30.05 12.26
C VAL A 218 -6.08 -30.31 11.50
N ARG A 219 -6.10 -31.41 10.76
CA ARG A 219 -7.27 -31.75 9.95
CA ARG A 219 -7.26 -31.80 9.96
C ARG A 219 -8.53 -31.91 10.80
N GLU A 220 -8.37 -32.27 12.07
CA GLU A 220 -9.51 -32.47 12.96
C GLU A 220 -10.23 -31.16 13.30
N VAL A 221 -9.50 -30.05 13.31
CA VAL A 221 -10.09 -28.78 13.72
C VAL A 221 -10.26 -27.82 12.54
N TRP A 222 -9.53 -28.05 11.45
CA TRP A 222 -9.65 -27.17 10.31
C TRP A 222 -10.86 -27.59 9.46
N PRO A 223 -11.73 -26.61 9.11
CA PRO A 223 -12.96 -26.94 8.37
C PRO A 223 -12.70 -27.69 7.07
N GLU A 224 -13.53 -28.70 6.80
CA GLU A 224 -13.44 -29.49 5.59
C GLU A 224 -13.63 -28.62 4.33
N ASN A 225 -14.39 -27.54 4.46
CA ASN A 225 -14.76 -26.75 3.29
C ASN A 225 -13.78 -25.61 2.99
N LEU A 226 -12.68 -25.56 3.75
CA LEU A 226 -11.64 -24.56 3.52
C LEU A 226 -10.32 -25.25 3.17
N PRO A 227 -9.61 -24.73 2.15
CA PRO A 227 -8.37 -25.40 1.75
C PRO A 227 -7.36 -25.61 2.86
N LEU A 228 -6.92 -26.85 2.98
CA LEU A 228 -5.89 -27.29 3.90
C LEU A 228 -4.63 -27.53 3.07
N THR A 229 -3.61 -26.70 3.26
CA THR A 229 -2.42 -26.78 2.40
C THR A 229 -1.15 -26.84 3.24
N ALA A 230 -0.03 -27.12 2.56
CA ALA A 230 1.26 -27.16 3.21
C ALA A 230 2.33 -26.69 2.24
N ARG A 231 3.40 -26.13 2.79
CA ARG A 231 4.61 -25.84 2.00
C ARG A 231 5.66 -26.87 2.38
N PHE A 232 6.38 -27.40 1.39
CA PHE A 232 7.29 -28.52 1.63
C PHE A 232 8.43 -28.42 0.64
N GLY A 233 9.66 -28.49 1.13
CA GLY A 233 10.83 -28.56 0.26
C GLY A 233 11.00 -29.98 -0.29
N VAL A 234 10.90 -30.13 -1.60
CA VAL A 234 10.90 -31.46 -2.19
C VAL A 234 12.28 -31.91 -2.66
N LEU A 235 13.24 -30.99 -2.67
CA LEU A 235 14.64 -31.36 -2.91
C LEU A 235 15.56 -30.34 -2.25
N GLU A 236 16.84 -30.68 -2.10
CA GLU A 236 17.81 -29.82 -1.42
C GLU A 236 18.89 -29.26 -2.34
N TYR A 237 19.05 -29.84 -3.53
CA TYR A 237 20.20 -29.56 -4.39
C TYR A 237 21.49 -29.87 -3.65
N ASP A 238 21.50 -31.05 -3.04
CA ASP A 238 22.59 -31.53 -2.20
C ASP A 238 23.30 -32.77 -2.78
N GLY A 239 23.09 -33.02 -4.07
CA GLY A 239 23.67 -34.19 -4.70
C GLY A 239 22.87 -35.46 -4.48
N ARG A 240 21.70 -35.32 -3.85
CA ARG A 240 20.81 -36.46 -3.59
C ARG A 240 19.43 -36.20 -4.16
N ASP A 241 19.37 -35.42 -5.23
CA ASP A 241 18.09 -34.87 -5.70
C ASP A 241 17.10 -35.92 -6.20
N GLU A 242 17.55 -36.91 -6.98
CA GLU A 242 16.57 -37.84 -7.54
C GLU A 242 15.95 -38.71 -6.43
N GLN A 243 16.77 -39.19 -5.51
CA GLN A 243 16.29 -39.96 -4.37
C GLN A 243 15.38 -39.13 -3.44
N THR A 244 15.76 -37.90 -3.19
CA THR A 244 14.99 -37.01 -2.32
C THR A 244 13.68 -36.63 -2.97
N LEU A 245 13.72 -36.33 -4.27
CA LEU A 245 12.49 -36.04 -5.00
C LEU A 245 11.52 -37.21 -4.99
N GLU A 246 12.02 -38.43 -5.22
CA GLU A 246 11.16 -39.60 -5.22
C GLU A 246 10.43 -39.74 -3.88
N GLU A 247 11.18 -39.63 -2.79
CA GLU A 247 10.61 -39.75 -1.44
C GLU A 247 9.65 -38.61 -1.14
N SER A 248 10.02 -37.41 -1.55
CA SER A 248 9.19 -36.24 -1.26
C SER A 248 7.85 -36.33 -1.99
N ILE A 249 7.88 -36.82 -3.22
CA ILE A 249 6.66 -37.00 -3.99
C ILE A 249 5.80 -38.10 -3.36
N GLU A 250 6.43 -39.15 -2.84
CA GLU A 250 5.66 -40.19 -2.16
C GLU A 250 5.00 -39.60 -0.89
N LEU A 251 5.71 -38.74 -0.19
CA LEU A 251 5.09 -38.12 1.00
C LEU A 251 3.93 -37.22 0.57
N ALA A 252 4.09 -36.52 -0.55
CA ALA A 252 3.01 -35.69 -1.07
C ALA A 252 1.78 -36.56 -1.38
N ARG A 253 2.00 -37.78 -1.88
CA ARG A 253 0.88 -38.71 -2.08
C ARG A 253 0.17 -39.02 -0.75
N ARG A 254 0.96 -39.15 0.31
CA ARG A 254 0.40 -39.45 1.62
C ARG A 254 -0.30 -38.24 2.20
N PHE A 255 0.22 -37.04 1.92
CA PHE A 255 -0.49 -35.81 2.25
C PHE A 255 -1.87 -35.78 1.58
N LYS A 256 -1.90 -36.10 0.30
CA LYS A 256 -3.16 -36.14 -0.44
C LYS A 256 -4.16 -37.08 0.22
N ALA A 257 -3.69 -38.30 0.54
CA ALA A 257 -4.51 -39.30 1.22
C ALA A 257 -5.01 -38.80 2.58
N GLY A 258 -4.24 -37.90 3.19
CA GLY A 258 -4.57 -37.31 4.48
C GLY A 258 -5.34 -36.01 4.39
N GLY A 259 -5.87 -35.70 3.22
CA GLY A 259 -6.77 -34.57 3.07
C GLY A 259 -6.14 -33.25 2.67
N LEU A 260 -4.87 -33.26 2.25
CA LEU A 260 -4.24 -32.03 1.79
C LEU A 260 -4.84 -31.62 0.45
N ASP A 261 -5.19 -30.33 0.32
CA ASP A 261 -5.88 -29.83 -0.87
C ASP A 261 -4.94 -29.23 -1.91
N LEU A 262 -3.80 -28.73 -1.47
CA LEU A 262 -2.83 -28.11 -2.36
C LEU A 262 -1.46 -28.12 -1.71
N LEU A 263 -0.42 -28.31 -2.52
CA LEU A 263 0.95 -28.29 -2.02
C LEU A 263 1.73 -27.12 -2.59
N SER A 264 2.28 -26.29 -1.69
CA SER A 264 3.22 -25.27 -2.12
C SER A 264 4.60 -25.91 -2.20
N VAL A 265 5.11 -26.05 -3.43
CA VAL A 265 6.33 -26.80 -3.71
C VAL A 265 7.54 -25.90 -3.60
N SER A 266 8.47 -26.25 -2.72
CA SER A 266 9.64 -25.40 -2.51
C SER A 266 10.93 -26.20 -2.41
N VAL A 267 11.96 -25.56 -1.88
CA VAL A 267 13.28 -26.15 -1.70
C VAL A 267 13.47 -26.38 -0.20
N GLY A 268 14.25 -27.39 0.17
CA GLY A 268 14.41 -27.72 1.58
C GLY A 268 15.16 -26.70 2.42
N PHE A 269 16.24 -26.14 1.88
CA PHE A 269 17.14 -25.26 2.66
C PHE A 269 17.51 -25.86 4.02
N THR A 270 17.65 -27.18 4.09
CA THR A 270 17.85 -27.83 5.37
C THR A 270 19.28 -27.68 5.89
N ILE A 271 20.24 -27.63 4.96
CA ILE A 271 21.65 -27.48 5.26
C ILE A 271 22.23 -26.39 4.34
N PRO A 272 23.37 -25.80 4.73
CA PRO A 272 23.97 -24.78 3.86
C PRO A 272 24.80 -25.34 2.70
N GLU A 273 25.23 -26.60 2.81
CA GLU A 273 26.13 -27.18 1.81
C GLU A 273 25.38 -27.65 0.57
N THR A 274 24.90 -26.71 -0.24
CA THR A 274 24.07 -27.04 -1.39
C THR A 274 24.46 -26.19 -2.59
N ASN A 275 23.86 -26.49 -3.73
CA ASN A 275 24.14 -25.76 -4.95
C ASN A 275 22.84 -25.53 -5.70
N ILE A 276 22.08 -24.55 -5.24
CA ILE A 276 20.78 -24.25 -5.81
C ILE A 276 20.94 -23.44 -7.10
N PRO A 277 20.35 -23.93 -8.20
CA PRO A 277 20.48 -23.27 -9.50
C PRO A 277 19.48 -22.14 -9.67
N TRP A 278 19.63 -21.10 -8.85
CA TRP A 278 18.74 -19.94 -8.88
C TRP A 278 18.58 -19.40 -10.31
N GLY A 279 17.34 -19.12 -10.68
CA GLY A 279 17.04 -18.53 -11.98
C GLY A 279 15.55 -18.26 -12.10
N PRO A 280 15.14 -17.48 -13.11
CA PRO A 280 13.73 -17.13 -13.29
C PRO A 280 12.86 -18.36 -13.48
N ALA A 281 11.88 -18.56 -12.59
CA ALA A 281 10.96 -19.68 -12.67
C ALA A 281 11.65 -21.04 -12.65
N PHE A 282 12.80 -21.14 -11.97
CA PHE A 282 13.56 -22.39 -12.03
C PHE A 282 12.83 -23.55 -11.38
N MET A 283 11.87 -23.26 -10.50
CA MET A 283 11.10 -24.33 -9.84
C MET A 283 9.97 -24.88 -10.68
N GLY A 284 9.69 -24.25 -11.82
CA GLY A 284 8.58 -24.68 -12.67
C GLY A 284 8.52 -26.16 -12.99
N PRO A 285 9.60 -26.71 -13.56
CA PRO A 285 9.62 -28.14 -13.89
C PRO A 285 9.47 -29.06 -12.68
N ILE A 286 10.03 -28.68 -11.53
CA ILE A 286 9.91 -29.51 -10.33
C ILE A 286 8.47 -29.49 -9.83
N ALA A 287 7.88 -28.29 -9.78
CA ALA A 287 6.48 -28.16 -9.37
C ALA A 287 5.57 -28.99 -10.28
N GLU A 288 5.84 -28.95 -11.59
CA GLU A 288 5.05 -29.71 -12.57
C GLU A 288 5.14 -31.20 -12.29
N ARG A 289 6.34 -31.67 -11.97
CA ARG A 289 6.53 -33.08 -11.72
C ARG A 289 5.78 -33.50 -10.46
N VAL A 290 5.80 -32.67 -9.43
CA VAL A 290 5.08 -32.99 -8.20
C VAL A 290 3.58 -33.02 -8.49
N ARG A 291 3.10 -31.98 -9.18
CA ARG A 291 1.70 -31.86 -9.53
C ARG A 291 1.19 -33.10 -10.25
N ARG A 292 1.95 -33.50 -11.27
CA ARG A 292 1.55 -34.62 -12.12
C ARG A 292 1.69 -35.96 -11.41
N GLU A 293 2.79 -36.16 -10.69
CA GLU A 293 3.05 -37.47 -10.10
C GLU A 293 2.25 -37.70 -8.82
N ALA A 294 2.05 -36.65 -8.01
CA ALA A 294 1.29 -36.83 -6.77
C ALA A 294 -0.19 -36.49 -6.94
N LYS A 295 -0.54 -35.92 -8.09
CA LYS A 295 -1.92 -35.61 -8.43
C LYS A 295 -2.53 -34.69 -7.38
N LEU A 296 -1.79 -33.62 -7.07
CA LEU A 296 -2.23 -32.54 -6.20
C LEU A 296 -2.07 -31.21 -6.92
N PRO A 297 -3.01 -30.28 -6.71
CA PRO A 297 -2.76 -28.89 -7.15
C PRO A 297 -1.52 -28.35 -6.47
N VAL A 298 -0.78 -27.47 -7.14
CA VAL A 298 0.43 -26.93 -6.56
C VAL A 298 0.55 -25.43 -6.82
N THR A 299 1.36 -24.78 -6.00
CA THR A 299 1.89 -23.47 -6.33
C THR A 299 3.39 -23.56 -6.15
N SER A 300 4.10 -22.57 -6.69
CA SER A 300 5.51 -22.44 -6.39
C SER A 300 5.92 -20.99 -6.63
N ALA A 301 7.19 -20.70 -6.41
CA ALA A 301 7.66 -19.33 -6.42
C ALA A 301 9.10 -19.24 -6.92
N TRP A 302 9.62 -18.01 -6.90
N TRP A 302 9.63 -18.02 -6.83
CA TRP A 302 10.99 -17.59 -7.27
CA TRP A 302 10.96 -17.56 -7.26
C TRP A 302 11.11 -17.14 -8.73
C TRP A 302 10.98 -17.14 -8.72
N GLY A 303 10.92 -15.83 -8.92
CA GLY A 303 11.10 -15.21 -10.21
C GLY A 303 9.86 -15.02 -11.06
N PHE A 304 8.68 -15.28 -10.51
CA PHE A 304 7.48 -15.19 -11.32
C PHE A 304 6.91 -13.76 -11.38
N GLY A 305 7.67 -12.79 -10.89
CA GLY A 305 7.28 -11.39 -11.01
C GLY A 305 7.29 -10.85 -12.42
N THR A 306 7.86 -11.62 -13.34
CA THR A 306 7.75 -11.30 -14.76
C THR A 306 6.44 -11.90 -15.25
N PRO A 307 5.45 -11.06 -15.58
CA PRO A 307 4.10 -11.56 -15.84
C PRO A 307 4.04 -12.66 -16.91
N GLN A 308 4.86 -12.57 -17.95
CA GLN A 308 4.86 -13.59 -18.99
C GLN A 308 5.32 -14.95 -18.45
N LEU A 309 6.19 -14.95 -17.44
CA LEU A 309 6.63 -16.21 -16.83
C LEU A 309 5.50 -16.86 -16.04
N ALA A 310 4.74 -16.02 -15.33
CA ALA A 310 3.61 -16.50 -14.56
C ALA A 310 2.57 -17.13 -15.48
N GLU A 311 2.26 -16.40 -16.55
CA GLU A 311 1.31 -16.87 -17.56
C GLU A 311 1.76 -18.17 -18.22
N ALA A 312 3.03 -18.25 -18.59
CA ALA A 312 3.56 -19.44 -19.25
C ALA A 312 3.50 -20.66 -18.33
N ALA A 313 3.79 -20.47 -17.04
CA ALA A 313 3.78 -21.59 -16.10
C ALA A 313 2.38 -22.19 -15.96
N LEU A 314 1.37 -21.34 -15.96
CA LEU A 314 -0.03 -21.78 -15.90
C LEU A 314 -0.45 -22.50 -17.18
N GLN A 315 -0.11 -21.92 -18.32
CA GLN A 315 -0.51 -22.52 -19.59
C GLN A 315 0.16 -23.88 -19.80
N ALA A 316 1.33 -24.06 -19.22
CA ALA A 316 2.07 -25.33 -19.30
C ALA A 316 1.58 -26.31 -18.24
N ASN A 317 0.62 -25.87 -17.43
CA ASN A 317 0.10 -26.68 -16.33
C ASN A 317 1.22 -27.16 -15.41
N GLN A 318 2.15 -26.26 -15.11
CA GLN A 318 3.19 -26.51 -14.14
C GLN A 318 2.70 -26.21 -12.73
N LEU A 319 1.75 -25.28 -12.66
CA LEU A 319 1.22 -24.70 -11.42
CA LEU A 319 1.15 -24.95 -11.37
C LEU A 319 -0.28 -24.49 -11.54
N ASP A 320 -0.98 -24.40 -10.41
CA ASP A 320 -2.37 -23.99 -10.40
C ASP A 320 -2.48 -22.53 -9.97
N LEU A 321 -1.60 -22.13 -9.07
CA LEU A 321 -1.50 -20.73 -8.63
C LEU A 321 -0.05 -20.31 -8.77
N VAL A 322 0.17 -19.04 -9.12
CA VAL A 322 1.52 -18.53 -9.20
C VAL A 322 1.79 -17.65 -8.00
N SER A 323 2.80 -17.99 -7.21
CA SER A 323 3.16 -17.19 -6.06
C SER A 323 4.17 -16.12 -6.44
N VAL A 324 3.86 -14.86 -6.12
CA VAL A 324 4.67 -13.70 -6.49
C VAL A 324 4.94 -12.92 -5.22
N GLY A 325 6.18 -12.99 -4.74
CA GLY A 325 6.54 -12.42 -3.46
C GLY A 325 7.21 -11.05 -3.52
N ARG A 326 8.50 -11.05 -3.82
CA ARG A 326 9.28 -9.81 -3.76
C ARG A 326 8.72 -8.71 -4.69
N ALA A 327 8.15 -9.09 -5.83
CA ALA A 327 7.54 -8.09 -6.72
C ALA A 327 6.41 -7.32 -6.04
N HIS A 328 5.76 -7.95 -5.05
CA HIS A 328 4.68 -7.30 -4.29
C HIS A 328 5.22 -6.43 -3.15
N LEU A 329 6.45 -6.69 -2.72
CA LEU A 329 7.11 -5.78 -1.79
C LEU A 329 7.51 -4.52 -2.54
N ALA A 330 8.02 -4.71 -3.75
CA ALA A 330 8.39 -3.58 -4.61
C ALA A 330 7.16 -2.75 -5.00
N ASP A 331 6.09 -3.44 -5.37
CA ASP A 331 4.88 -2.81 -5.88
C ASP A 331 3.68 -3.57 -5.32
N PRO A 332 3.01 -3.02 -4.30
CA PRO A 332 1.87 -3.72 -3.70
C PRO A 332 0.73 -3.92 -4.70
N HIS A 333 0.76 -3.19 -5.82
CA HIS A 333 -0.26 -3.33 -6.85
C HIS A 333 0.25 -4.14 -8.03
N TRP A 334 1.16 -5.09 -7.78
CA TRP A 334 1.75 -5.85 -8.87
C TRP A 334 0.70 -6.57 -9.72
N ALA A 335 -0.39 -7.02 -9.10
CA ALA A 335 -1.41 -7.74 -9.85
C ALA A 335 -1.98 -6.86 -10.96
N TYR A 336 -2.16 -5.57 -10.66
CA TYR A 336 -2.58 -4.60 -11.67
C TYR A 336 -1.53 -4.42 -12.75
N PHE A 337 -0.26 -4.33 -12.34
CA PHE A 337 0.85 -4.24 -13.28
C PHE A 337 0.83 -5.45 -14.24
N ALA A 338 0.59 -6.63 -13.67
CA ALA A 338 0.54 -7.87 -14.46
C ALA A 338 -0.63 -7.87 -15.44
N ALA A 339 -1.79 -7.36 -15.00
CA ALA A 339 -2.97 -7.27 -15.86
C ALA A 339 -2.69 -6.40 -17.07
N LYS A 340 -2.04 -5.26 -16.85
CA LYS A 340 -1.68 -4.37 -17.94
C LYS A 340 -0.72 -5.05 -18.90
N GLU A 341 0.31 -5.67 -18.34
CA GLU A 341 1.36 -6.27 -19.14
C GLU A 341 0.83 -7.40 -20.01
N LEU A 342 -0.14 -8.15 -19.49
CA LEU A 342 -0.69 -9.30 -20.23
C LEU A 342 -1.91 -8.90 -21.07
N GLY A 343 -2.19 -7.60 -21.13
CA GLY A 343 -3.24 -7.10 -21.98
C GLY A 343 -4.66 -7.47 -21.57
N VAL A 344 -4.86 -7.65 -20.27
CA VAL A 344 -6.17 -7.95 -19.72
C VAL A 344 -7.16 -6.82 -20.01
N GLU A 345 -8.37 -7.20 -20.42
CA GLU A 345 -9.43 -6.22 -20.67
C GLU A 345 -9.81 -5.52 -19.37
N LYS A 346 -9.96 -4.20 -19.44
CA LYS A 346 -10.28 -3.38 -18.26
C LYS A 346 -9.29 -3.65 -17.13
N ALA A 347 -8.00 -3.65 -17.46
CA ALA A 347 -6.97 -4.02 -16.50
C ALA A 347 -6.98 -3.14 -15.24
N SER A 348 -7.39 -1.89 -15.36
CA SER A 348 -7.32 -1.00 -14.22
C SER A 348 -8.31 -1.44 -13.13
N TRP A 349 -9.34 -2.19 -13.51
CA TRP A 349 -10.34 -2.62 -12.54
C TRP A 349 -9.91 -3.88 -11.80
N THR A 350 -8.65 -4.25 -11.98
CA THR A 350 -7.94 -5.12 -11.06
C THR A 350 -7.88 -4.45 -9.68
N LEU A 351 -7.81 -3.12 -9.68
CA LEU A 351 -7.81 -2.28 -8.48
C LEU A 351 -9.22 -1.83 -8.09
N PRO A 352 -9.41 -1.38 -6.83
CA PRO A 352 -10.70 -0.81 -6.43
C PRO A 352 -11.02 0.49 -7.15
N ALA A 353 -12.30 0.84 -7.20
CA ALA A 353 -12.79 2.03 -7.93
C ALA A 353 -12.00 3.34 -7.75
N PRO A 354 -11.59 3.70 -6.51
CA PRO A 354 -10.94 5.01 -6.39
C PRO A 354 -9.61 5.11 -7.13
N TYR A 355 -9.05 3.96 -7.52
CA TYR A 355 -7.86 3.92 -8.36
C TYR A 355 -8.24 3.61 -9.79
N ALA A 356 -9.04 2.55 -9.95
CA ALA A 356 -9.41 2.00 -11.25
C ALA A 356 -10.02 3.03 -12.18
N HIS A 357 -10.90 3.87 -11.63
CA HIS A 357 -11.60 4.85 -12.45
C HIS A 357 -10.64 5.75 -13.21
N TRP A 358 -9.55 6.12 -12.54
CA TRP A 358 -8.64 7.13 -13.04
C TRP A 358 -7.50 6.55 -13.87
N LEU A 359 -7.35 5.23 -13.82
CA LEU A 359 -6.22 4.60 -14.48
C LEU A 359 -6.64 3.91 -15.78
N GLU A 360 -7.91 4.01 -16.13
CA GLU A 360 -8.38 3.50 -17.42
C GLU A 360 -7.65 4.21 -18.57
N SER B 2 20.88 12.73 -7.95
CA SER B 2 19.59 13.02 -8.56
C SER B 2 18.93 14.20 -7.87
N ALA B 3 18.53 15.20 -8.66
CA ALA B 3 17.82 16.35 -8.11
C ALA B 3 16.53 15.92 -7.43
N LEU B 4 15.89 14.89 -7.96
CA LEU B 4 14.61 14.44 -7.42
C LEU B 4 14.75 13.95 -5.99
N PHE B 5 15.94 13.52 -5.61
CA PHE B 5 16.11 12.93 -4.29
C PHE B 5 16.96 13.80 -3.35
N GLU B 6 17.09 15.08 -3.70
CA GLU B 6 17.63 16.07 -2.77
C GLU B 6 16.56 16.47 -1.77
N PRO B 7 16.95 16.60 -0.49
CA PRO B 7 16.00 17.11 0.51
C PRO B 7 15.58 18.55 0.25
N TYR B 8 14.50 18.97 0.88
CA TYR B 8 13.96 20.31 0.69
C TYR B 8 13.50 20.85 2.02
N THR B 9 13.95 22.05 2.38
CA THR B 9 13.53 22.66 3.64
C THR B 9 12.72 23.92 3.38
N LEU B 10 11.55 23.98 3.99
CA LEU B 10 10.67 25.14 3.92
C LEU B 10 10.14 25.41 5.32
N LYS B 11 10.41 26.62 5.83
CA LYS B 11 10.16 26.92 7.24
C LYS B 11 10.82 25.83 8.10
N ASP B 12 10.11 25.29 9.08
CA ASP B 12 10.70 24.28 9.96
C ASP B 12 10.62 22.85 9.41
N VAL B 13 10.07 22.70 8.21
CA VAL B 13 9.84 21.38 7.65
C VAL B 13 10.94 20.97 6.68
N THR B 14 11.44 19.76 6.82
CA THR B 14 12.39 19.21 5.85
C THR B 14 11.82 17.96 5.22
N LEU B 15 11.71 17.98 3.90
CA LEU B 15 11.26 16.83 3.12
C LEU B 15 12.47 16.02 2.70
N ARG B 16 12.35 14.69 2.72
CA ARG B 16 13.52 13.84 2.46
C ARG B 16 13.89 13.78 0.97
N ASN B 17 12.99 14.23 0.10
CA ASN B 17 13.23 14.31 -1.33
C ASN B 17 12.25 15.30 -1.96
N ARG B 18 12.26 15.41 -3.29
CA ARG B 18 11.44 16.43 -3.95
C ARG B 18 10.16 15.85 -4.52
N ILE B 19 9.82 14.64 -4.10
CA ILE B 19 8.60 13.98 -4.56
C ILE B 19 7.45 14.33 -3.64
N ALA B 20 6.43 14.99 -4.18
CA ALA B 20 5.22 15.26 -3.43
C ALA B 20 4.05 14.47 -4.00
N ILE B 21 3.22 13.91 -3.14
CA ILE B 21 1.97 13.34 -3.60
C ILE B 21 0.91 14.42 -3.44
N PRO B 22 0.36 14.88 -4.58
CA PRO B 22 -0.64 15.95 -4.53
C PRO B 22 -1.94 15.44 -3.98
N PRO B 23 -2.83 16.35 -3.53
CA PRO B 23 -4.13 15.91 -3.06
C PRO B 23 -4.89 15.14 -4.12
N MET B 24 -5.43 13.97 -3.74
CA MET B 24 -6.26 13.19 -4.66
C MET B 24 -7.48 12.65 -3.94
N CYS B 25 -8.64 13.27 -4.22
CA CYS B 25 -9.93 12.79 -3.69
C CYS B 25 -10.12 11.30 -3.87
N GLN B 26 -10.60 10.66 -2.81
CA GLN B 26 -10.82 9.22 -2.80
C GLN B 26 -12.30 8.87 -2.86
N TYR B 27 -13.15 9.84 -2.51
CA TYR B 27 -14.61 9.68 -2.53
C TYR B 27 -15.09 8.49 -1.70
N MET B 28 -14.39 8.20 -0.61
CA MET B 28 -14.71 7.03 0.21
C MET B 28 -15.11 7.39 1.64
N ALA B 29 -15.24 8.69 1.92
CA ALA B 29 -15.65 9.12 3.25
C ALA B 29 -17.17 9.05 3.42
N GLU B 30 -17.62 9.09 4.65
CA GLU B 30 -19.04 9.05 4.95
C GLU B 30 -19.39 10.20 5.89
N ASP B 31 -20.31 11.07 5.45
CA ASP B 31 -20.62 12.28 6.19
C ASP B 31 -19.35 13.04 6.56
N GLY B 32 -18.40 13.08 5.61
CA GLY B 32 -17.13 13.75 5.81
C GLY B 32 -16.07 13.00 6.64
N LEU B 33 -16.46 11.92 7.29
CA LEU B 33 -15.52 11.17 8.11
C LEU B 33 -14.73 10.17 7.28
N ILE B 34 -13.39 10.23 7.37
CA ILE B 34 -12.54 9.26 6.70
C ILE B 34 -12.58 7.94 7.47
N ASN B 35 -12.00 6.90 6.87
CA ASN B 35 -12.09 5.57 7.46
C ASN B 35 -10.91 4.71 7.01
N ASP B 36 -11.07 3.38 7.10
CA ASP B 36 -9.97 2.48 6.81
C ASP B 36 -9.52 2.55 5.36
N TRP B 37 -10.39 3.01 4.46
CA TRP B 37 -9.92 3.20 3.09
C TRP B 37 -8.74 4.16 3.10
N HIS B 38 -8.95 5.32 3.71
CA HIS B 38 -7.94 6.36 3.74
C HIS B 38 -6.72 5.98 4.55
N GLN B 39 -6.94 5.31 5.68
CA GLN B 39 -5.82 4.95 6.54
C GLN B 39 -4.76 4.15 5.78
N VAL B 40 -5.19 3.08 5.12
CA VAL B 40 -4.28 2.22 4.37
C VAL B 40 -3.73 2.94 3.13
N HIS B 41 -4.62 3.63 2.42
CA HIS B 41 -4.26 4.37 1.21
C HIS B 41 -3.09 5.35 1.48
N TYR B 42 -3.25 6.17 2.51
CA TYR B 42 -2.23 7.18 2.80
C TYR B 42 -0.97 6.57 3.42
N ALA B 43 -1.14 5.61 4.33
CA ALA B 43 0.03 5.02 4.99
C ALA B 43 0.90 4.28 3.96
N SER B 44 0.25 3.55 3.05
CA SER B 44 0.99 2.77 2.07
C SER B 44 1.81 3.68 1.15
N MET B 45 1.21 4.78 0.70
CA MET B 45 1.92 5.71 -0.18
C MET B 45 3.07 6.39 0.55
N ALA B 46 2.87 6.74 1.81
CA ALA B 46 3.92 7.38 2.60
C ALA B 46 5.10 6.42 2.77
N ARG B 47 4.81 5.14 2.99
CA ARG B 47 5.88 4.15 3.08
C ARG B 47 6.63 3.98 1.76
N GLY B 48 5.98 4.34 0.67
CA GLY B 48 6.55 4.23 -0.66
C GLY B 48 7.74 5.14 -0.92
N GLY B 49 7.90 6.18 -0.09
CA GLY B 49 9.10 6.99 -0.14
C GLY B 49 8.93 8.48 -0.42
N ALA B 50 7.75 8.89 -0.87
CA ALA B 50 7.52 10.31 -1.17
C ALA B 50 7.81 11.16 0.06
N GLY B 51 8.44 12.31 -0.13
CA GLY B 51 8.82 13.16 0.99
C GLY B 51 7.66 13.96 1.56
N LEU B 52 6.64 14.20 0.75
CA LEU B 52 5.48 14.99 1.19
C LEU B 52 4.21 14.34 0.68
N LEU B 53 3.22 14.19 1.55
CA LEU B 53 1.94 13.63 1.16
C LEU B 53 0.86 14.62 1.52
N VAL B 54 0.27 15.27 0.51
CA VAL B 54 -0.83 16.20 0.77
C VAL B 54 -2.15 15.44 0.67
N VAL B 55 -2.85 15.34 1.80
CA VAL B 55 -4.15 14.69 1.84
C VAL B 55 -5.15 15.43 0.95
N GLU B 56 -6.01 14.63 0.29
CA GLU B 56 -7.07 15.10 -0.61
C GLU B 56 -7.87 16.32 -0.13
N ALA B 57 -8.47 17.01 -1.11
CA ALA B 57 -9.40 18.10 -0.85
C ALA B 57 -10.37 17.75 0.28
N THR B 58 -10.26 18.48 1.38
CA THR B 58 -11.07 18.18 2.55
C THR B 58 -11.95 19.40 2.83
N ALA B 59 -13.26 19.20 2.84
CA ALA B 59 -14.21 20.30 2.89
C ALA B 59 -14.23 21.04 4.21
N VAL B 60 -14.22 22.37 4.14
CA VAL B 60 -14.30 23.21 5.33
C VAL B 60 -15.73 23.33 5.85
N ALA B 61 -16.69 22.85 5.08
CA ALA B 61 -18.12 22.93 5.43
C ALA B 61 -18.85 21.87 4.62
N PRO B 62 -20.00 21.37 5.11
CA PRO B 62 -20.66 20.26 4.41
C PRO B 62 -20.99 20.54 2.96
N GLU B 63 -21.46 21.75 2.67
CA GLU B 63 -21.86 22.07 1.30
C GLU B 63 -20.66 22.29 0.40
N GLY B 64 -19.45 22.28 1.00
CA GLY B 64 -18.22 22.48 0.28
C GLY B 64 -17.57 21.19 -0.20
N ARG B 65 -18.17 20.05 0.14
CA ARG B 65 -17.76 18.77 -0.44
C ARG B 65 -18.07 18.78 -1.93
N ILE B 66 -17.28 18.05 -2.73
CA ILE B 66 -17.67 17.84 -4.11
C ILE B 66 -18.82 16.84 -4.15
N THR B 67 -18.68 15.75 -3.40
CA THR B 67 -19.58 14.60 -3.45
C THR B 67 -19.95 14.13 -2.05
N PRO B 68 -20.95 13.22 -1.94
CA PRO B 68 -21.24 12.59 -0.64
C PRO B 68 -20.10 11.71 -0.12
N GLY B 69 -19.06 11.49 -0.92
CA GLY B 69 -17.94 10.69 -0.49
C GLY B 69 -16.71 11.50 -0.08
N CYS B 70 -16.83 12.82 -0.11
CA CYS B 70 -15.67 13.65 0.17
C CYS B 70 -15.37 13.77 1.66
N ALA B 71 -14.10 13.89 1.98
CA ALA B 71 -13.66 14.12 3.35
C ALA B 71 -14.02 15.52 3.79
N GLY B 72 -14.22 15.69 5.09
CA GLY B 72 -14.49 16.99 5.68
C GLY B 72 -13.70 17.21 6.95
N ILE B 73 -13.57 18.48 7.34
CA ILE B 73 -12.91 18.81 8.59
C ILE B 73 -13.67 19.97 9.25
N TRP B 74 -15.00 19.93 9.14
CA TRP B 74 -15.85 21.03 9.62
C TRP B 74 -16.28 20.86 11.07
N SER B 75 -15.73 19.85 11.75
CA SER B 75 -15.96 19.68 13.18
C SER B 75 -14.75 19.02 13.82
N ASP B 76 -14.64 19.11 15.15
CA ASP B 76 -13.50 18.54 15.84
C ASP B 76 -13.46 17.01 15.69
N ALA B 77 -14.63 16.37 15.62
CA ALA B 77 -14.68 14.92 15.39
C ALA B 77 -14.08 14.56 14.04
N HIS B 78 -14.36 15.37 13.02
CA HIS B 78 -13.78 15.15 11.69
C HIS B 78 -12.26 15.25 11.74
N ALA B 79 -11.77 16.24 12.49
CA ALA B 79 -10.34 16.47 12.60
C ALA B 79 -9.65 15.32 13.33
N GLN B 80 -10.26 14.83 14.41
CA GLN B 80 -9.67 13.75 15.16
C GLN B 80 -9.52 12.51 14.30
N ALA B 81 -10.42 12.33 13.34
CA ALA B 81 -10.37 11.16 12.47
C ALA B 81 -9.09 11.17 11.62
N PHE B 82 -8.52 12.35 11.40
CA PHE B 82 -7.29 12.46 10.62
C PHE B 82 -6.03 12.14 11.43
N VAL B 83 -6.13 12.14 12.76
CA VAL B 83 -4.93 11.97 13.58
C VAL B 83 -4.18 10.67 13.25
N PRO B 84 -4.87 9.52 13.13
CA PRO B 84 -4.11 8.31 12.76
C PRO B 84 -3.49 8.38 11.37
N VAL B 85 -4.08 9.15 10.46
CA VAL B 85 -3.52 9.31 9.11
C VAL B 85 -2.25 10.15 9.20
N VAL B 86 -2.35 11.27 9.91
CA VAL B 86 -1.20 12.13 10.14
C VAL B 86 -0.05 11.35 10.74
N GLN B 87 -0.36 10.58 11.79
CA GLN B 87 0.70 9.90 12.53
C GLN B 87 1.33 8.75 11.72
N ALA B 88 0.54 8.08 10.88
CA ALA B 88 1.07 7.01 10.04
C ALA B 88 1.96 7.56 8.94
N ILE B 89 1.60 8.73 8.41
CA ILE B 89 2.44 9.37 7.40
C ILE B 89 3.80 9.75 8.01
N LYS B 90 3.76 10.35 9.20
CA LYS B 90 4.98 10.70 9.94
C LYS B 90 5.83 9.49 10.30
N ALA B 91 5.16 8.41 10.72
CA ALA B 91 5.85 7.18 11.11
C ALA B 91 6.65 6.63 9.94
N ALA B 92 6.13 6.85 8.73
CA ALA B 92 6.76 6.38 7.51
C ALA B 92 7.90 7.28 7.04
N GLY B 93 8.09 8.42 7.72
CA GLY B 93 9.17 9.34 7.38
C GLY B 93 8.80 10.40 6.36
N SER B 94 7.52 10.44 6.00
CA SER B 94 7.00 11.43 5.08
C SER B 94 6.43 12.60 5.88
N VAL B 95 6.12 13.71 5.22
CA VAL B 95 5.52 14.85 5.90
C VAL B 95 4.05 14.92 5.54
N PRO B 96 3.18 14.96 6.56
CA PRO B 96 1.73 15.02 6.32
C PRO B 96 1.22 16.43 6.04
N GLY B 97 0.62 16.62 4.88
CA GLY B 97 -0.03 17.88 4.56
C GLY B 97 -1.51 17.66 4.31
N ILE B 98 -2.27 18.74 4.24
CA ILE B 98 -3.68 18.60 3.88
C ILE B 98 -4.11 19.78 3.04
N GLN B 99 -4.94 19.49 2.04
CA GLN B 99 -5.59 20.52 1.24
C GLN B 99 -6.98 20.77 1.79
N ILE B 100 -7.26 22.00 2.23
CA ILE B 100 -8.59 22.32 2.70
C ILE B 100 -9.32 23.10 1.61
N ALA B 101 -10.61 22.83 1.48
CA ALA B 101 -11.31 23.11 0.23
C ALA B 101 -12.77 23.49 0.40
N HIS B 102 -13.33 24.08 -0.65
CA HIS B 102 -14.74 24.34 -0.76
C HIS B 102 -15.11 24.26 -2.24
N ALA B 103 -15.94 23.30 -2.61
CA ALA B 103 -16.18 22.98 -4.01
C ALA B 103 -17.04 24.01 -4.77
N GLY B 104 -17.65 24.94 -4.05
CA GLY B 104 -18.43 25.98 -4.72
C GLY B 104 -19.53 25.41 -5.63
N ARG B 105 -19.60 25.91 -6.86
CA ARG B 105 -20.70 25.52 -7.73
C ARG B 105 -20.54 24.08 -8.27
N LYS B 106 -19.36 23.51 -8.06
CA LYS B 106 -19.09 22.13 -8.50
C LYS B 106 -19.47 21.11 -7.41
N ALA B 107 -20.03 21.60 -6.31
CA ALA B 107 -20.48 20.73 -5.22
C ALA B 107 -21.74 19.94 -5.55
N SER B 108 -22.09 19.00 -4.68
CA SER B 108 -23.31 18.21 -4.78
C SER B 108 -23.31 17.37 -6.06
N ALA B 109 -22.19 16.71 -6.30
CA ALA B 109 -22.01 15.91 -7.50
C ALA B 109 -21.86 14.44 -7.14
N ASN B 110 -22.16 13.56 -8.09
CA ASN B 110 -21.93 12.13 -7.91
C ASN B 110 -20.44 11.83 -7.90
N ARG B 111 -20.09 10.71 -7.28
CA ARG B 111 -18.73 10.19 -7.38
C ARG B 111 -18.41 9.96 -8.86
N PRO B 112 -17.11 10.04 -9.22
CA PRO B 112 -16.74 9.97 -10.63
C PRO B 112 -17.18 8.68 -11.32
N TRP B 113 -17.13 7.54 -10.62
CA TRP B 113 -17.57 6.28 -11.22
C TRP B 113 -19.06 6.02 -11.02
N GLU B 114 -19.78 7.04 -10.56
CA GLU B 114 -21.22 6.92 -10.35
C GLU B 114 -21.97 8.03 -11.08
N GLY B 115 -21.44 8.44 -12.24
CA GLY B 115 -22.08 9.44 -13.07
C GLY B 115 -21.28 10.72 -13.23
N ASP B 116 -20.54 11.09 -12.18
CA ASP B 116 -19.64 12.25 -12.19
C ASP B 116 -20.39 13.57 -12.40
N ASP B 117 -21.72 13.52 -12.31
CA ASP B 117 -22.56 14.67 -12.65
C ASP B 117 -23.28 15.22 -11.42
N HIS B 118 -23.91 16.38 -11.57
CA HIS B 118 -24.66 16.95 -10.47
C HIS B 118 -25.77 16.00 -10.04
N ILE B 119 -25.95 15.90 -8.73
CA ILE B 119 -26.96 15.04 -8.15
C ILE B 119 -28.35 15.55 -8.50
N GLY B 120 -29.23 14.65 -8.90
CA GLY B 120 -30.59 14.99 -9.26
C GLY B 120 -31.37 15.56 -8.07
N ALA B 121 -32.30 16.46 -8.38
CA ALA B 121 -33.04 17.18 -7.34
C ALA B 121 -33.92 16.26 -6.49
N ASP B 122 -34.23 15.07 -7.01
CA ASP B 122 -35.07 14.13 -6.30
C ASP B 122 -34.24 13.19 -5.43
N ASP B 123 -32.93 13.22 -5.65
CA ASP B 123 -31.97 12.41 -4.90
C ASP B 123 -31.73 13.05 -3.54
N ALA B 124 -31.99 12.28 -2.49
CA ALA B 124 -31.93 12.80 -1.11
C ALA B 124 -30.52 13.17 -0.68
N ARG B 125 -29.52 12.76 -1.45
CA ARG B 125 -28.14 13.02 -1.09
C ARG B 125 -27.69 14.44 -1.46
N GLY B 126 -28.45 15.10 -2.34
CA GLY B 126 -28.06 16.41 -2.85
C GLY B 126 -28.18 17.57 -1.88
N TRP B 127 -27.50 18.66 -2.19
CA TRP B 127 -27.64 19.87 -1.37
C TRP B 127 -27.46 21.13 -2.22
N GLU B 128 -27.92 22.26 -1.67
CA GLU B 128 -27.79 23.55 -2.33
C GLU B 128 -26.33 24.01 -2.37
N THR B 129 -25.88 24.39 -3.56
CA THR B 129 -24.51 24.85 -3.76
C THR B 129 -24.43 26.37 -3.67
N ILE B 130 -23.24 26.88 -3.41
CA ILE B 130 -23.03 28.32 -3.32
C ILE B 130 -21.85 28.74 -4.19
N ALA B 131 -21.84 30.01 -4.60
CA ALA B 131 -20.84 30.52 -5.53
C ALA B 131 -20.85 32.04 -5.52
N PRO B 132 -19.83 32.69 -6.12
CA PRO B 132 -19.87 34.15 -6.19
C PRO B 132 -21.13 34.68 -6.87
N SER B 133 -21.58 33.97 -7.89
CA SER B 133 -22.73 34.40 -8.69
C SER B 133 -23.58 33.21 -9.09
N ALA B 134 -24.87 33.47 -9.32
CA ALA B 134 -25.84 32.43 -9.67
C ALA B 134 -25.71 32.05 -11.14
N ILE B 135 -24.63 31.37 -11.48
CA ILE B 135 -24.39 30.93 -12.85
C ILE B 135 -23.79 29.52 -12.82
N ALA B 136 -24.34 28.62 -13.64
CA ALA B 136 -23.92 27.22 -13.64
C ALA B 136 -22.63 27.02 -14.45
N PHE B 137 -21.84 26.04 -14.03
CA PHE B 137 -20.72 25.55 -14.82
C PHE B 137 -21.20 25.10 -16.20
N GLY B 138 -22.32 24.37 -16.22
CA GLY B 138 -22.85 23.84 -17.45
C GLY B 138 -22.47 22.39 -17.67
N ALA B 139 -22.69 21.90 -18.88
CA ALA B 139 -22.40 20.50 -19.24
C ALA B 139 -22.97 19.54 -18.20
N HIS B 140 -22.12 18.69 -17.63
CA HIS B 140 -22.55 17.70 -16.65
C HIS B 140 -22.75 18.27 -15.24
N LEU B 141 -22.50 19.58 -15.10
CA LEU B 141 -22.74 20.27 -13.84
C LEU B 141 -23.69 21.46 -14.05
N PRO B 142 -24.97 21.16 -14.35
CA PRO B 142 -25.91 22.22 -14.72
C PRO B 142 -26.58 22.95 -13.55
N ASN B 143 -26.39 22.48 -12.31
CA ASN B 143 -27.09 23.10 -11.19
C ASN B 143 -26.63 24.54 -11.00
N VAL B 144 -27.59 25.46 -10.89
CA VAL B 144 -27.28 26.87 -10.69
C VAL B 144 -27.06 27.09 -9.20
N PRO B 145 -25.89 27.62 -8.83
CA PRO B 145 -25.60 27.87 -7.43
C PRO B 145 -26.33 29.10 -6.90
N ARG B 146 -26.48 29.18 -5.59
CA ARG B 146 -26.95 30.39 -4.93
C ARG B 146 -25.79 31.38 -4.85
N ALA B 147 -26.06 32.64 -5.16
CA ALA B 147 -25.02 33.67 -5.05
C ALA B 147 -24.80 34.03 -3.58
N MET B 148 -23.53 34.04 -3.17
CA MET B 148 -23.20 34.29 -1.77
C MET B 148 -23.46 35.74 -1.36
N THR B 149 -23.92 35.91 -0.12
CA THR B 149 -24.06 37.23 0.46
C THR B 149 -22.75 37.57 1.16
N LEU B 150 -22.62 38.82 1.60
CA LEU B 150 -21.45 39.20 2.38
C LEU B 150 -21.34 38.34 3.64
N ASP B 151 -22.49 38.00 4.22
CA ASP B 151 -22.51 37.13 5.39
C ASP B 151 -21.96 35.75 5.06
N ASP B 152 -22.33 35.22 3.89
CA ASP B 152 -21.79 33.93 3.44
C ASP B 152 -20.27 33.99 3.30
N ILE B 153 -19.78 35.09 2.74
CA ILE B 153 -18.36 35.25 2.51
C ILE B 153 -17.63 35.26 3.85
N ALA B 154 -18.18 35.98 4.82
CA ALA B 154 -17.60 36.00 6.15
C ALA B 154 -17.60 34.60 6.77
N ARG B 155 -18.69 33.87 6.59
CA ARG B 155 -18.84 32.56 7.20
C ARG B 155 -17.86 31.56 6.57
N VAL B 156 -17.75 31.57 5.25
CA VAL B 156 -16.85 30.63 4.60
C VAL B 156 -15.40 30.92 4.97
N LYS B 157 -15.03 32.20 5.08
CA LYS B 157 -13.66 32.52 5.51
C LYS B 157 -13.40 31.95 6.90
N GLN B 158 -14.38 32.10 7.79
CA GLN B 158 -14.22 31.58 9.15
C GLN B 158 -14.14 30.04 9.13
N ASP B 159 -14.86 29.41 8.21
CA ASP B 159 -14.78 27.95 8.06
C ASP B 159 -13.38 27.52 7.65
N PHE B 160 -12.74 28.28 6.76
CA PHE B 160 -11.36 28.00 6.39
C PHE B 160 -10.43 28.16 7.59
N VAL B 161 -10.69 29.21 8.39
CA VAL B 161 -9.88 29.45 9.58
C VAL B 161 -10.02 28.30 10.55
N ASP B 162 -11.26 27.91 10.85
CA ASP B 162 -11.53 26.82 11.78
C ASP B 162 -10.88 25.52 11.28
N ALA B 163 -10.95 25.28 9.99
CA ALA B 163 -10.37 24.08 9.38
C ALA B 163 -8.85 24.08 9.56
N ALA B 164 -8.22 25.23 9.34
CA ALA B 164 -6.78 25.32 9.49
C ALA B 164 -6.36 25.06 10.95
N ARG B 165 -7.12 25.60 11.89
CA ARG B 165 -6.85 25.37 13.31
C ARG B 165 -6.96 23.88 13.63
N ARG B 166 -8.00 23.26 13.11
CA ARG B 166 -8.20 21.83 13.33
C ARG B 166 -7.10 21.00 12.70
N ALA B 167 -6.65 21.43 11.52
CA ALA B 167 -5.60 20.69 10.83
C ALA B 167 -4.31 20.76 11.66
N ARG B 168 -4.05 21.94 12.19
CA ARG B 168 -2.89 22.15 13.05
C ARG B 168 -2.92 21.20 14.26
N ASP B 169 -4.08 21.14 14.91
CA ASP B 169 -4.20 20.32 16.11
C ASP B 169 -4.16 18.82 15.79
N ALA B 170 -4.57 18.44 14.59
CA ALA B 170 -4.50 17.03 14.19
C ALA B 170 -3.06 16.63 13.90
N GLY B 171 -2.18 17.62 13.72
CA GLY B 171 -0.77 17.35 13.54
C GLY B 171 -0.23 17.52 12.13
N PHE B 172 -1.04 18.05 11.23
CA PHE B 172 -0.56 18.33 9.88
C PHE B 172 0.56 19.37 9.93
N GLU B 173 1.56 19.20 9.07
CA GLU B 173 2.76 20.03 9.12
C GLU B 173 2.87 20.95 7.91
N TRP B 174 1.80 20.96 7.12
CA TRP B 174 1.83 21.54 5.78
C TRP B 174 0.37 21.72 5.40
N ILE B 175 -0.03 22.93 5.00
CA ILE B 175 -1.41 23.14 4.62
C ILE B 175 -1.47 23.76 3.24
N GLU B 176 -2.49 23.39 2.48
CA GLU B 176 -2.70 23.91 1.14
C GLU B 176 -4.13 24.41 0.98
N LEU B 177 -4.28 25.69 0.66
CA LEU B 177 -5.60 26.25 0.39
C LEU B 177 -6.01 25.95 -1.06
N HIS B 178 -7.17 25.34 -1.26
CA HIS B 178 -7.57 24.95 -2.60
C HIS B 178 -8.26 26.09 -3.34
N PHE B 179 -7.46 26.91 -4.01
CA PHE B 179 -7.97 28.02 -4.81
C PHE B 179 -7.92 27.69 -6.30
N ALA B 180 -7.93 26.39 -6.62
CA ALA B 180 -7.86 25.99 -8.03
C ALA B 180 -9.05 25.17 -8.53
N HIS B 181 -8.98 24.81 -9.80
CA HIS B 181 -9.85 23.78 -10.40
C HIS B 181 -11.35 24.12 -10.40
N GLY B 182 -11.67 25.42 -10.41
CA GLY B 182 -13.02 25.84 -10.64
C GLY B 182 -13.92 25.79 -9.42
N TYR B 183 -13.34 25.45 -8.27
CA TYR B 183 -14.10 25.40 -7.03
C TYR B 183 -14.22 26.83 -6.48
N LEU B 184 -14.63 27.00 -5.23
CA LEU B 184 -15.07 28.31 -4.75
C LEU B 184 -14.03 29.43 -4.96
N GLY B 185 -12.83 29.23 -4.46
CA GLY B 185 -11.78 30.22 -4.59
C GLY B 185 -11.46 30.59 -6.02
N GLN B 186 -11.29 29.59 -6.89
CA GLN B 186 -10.98 29.86 -8.29
C GLN B 186 -12.12 30.68 -8.91
N SER B 187 -13.35 30.32 -8.57
CA SER B 187 -14.51 30.93 -9.18
C SER B 187 -14.71 32.39 -8.76
N PHE B 188 -14.20 32.77 -7.60
CA PHE B 188 -14.17 34.19 -7.23
C PHE B 188 -13.18 34.95 -8.11
N PHE B 189 -12.07 34.31 -8.47
CA PHE B 189 -11.06 35.02 -9.24
C PHE B 189 -11.50 35.22 -10.69
N SER B 190 -12.13 34.21 -11.27
CA SER B 190 -12.41 34.22 -12.71
C SER B 190 -13.60 35.09 -13.10
N GLU B 191 -13.42 35.92 -14.11
CA GLU B 191 -14.50 36.72 -14.66
C GLU B 191 -15.61 35.86 -15.26
N HIS B 192 -15.28 34.62 -15.63
CA HIS B 192 -16.29 33.72 -16.19
C HIS B 192 -17.40 33.44 -15.19
N SER B 193 -17.02 33.30 -13.93
CA SER B 193 -17.93 32.82 -12.91
C SER B 193 -18.33 33.89 -11.91
N ASN B 194 -17.54 34.96 -11.83
CA ASN B 194 -17.78 36.05 -10.89
C ASN B 194 -18.33 37.26 -11.62
N LYS B 195 -19.63 37.50 -11.45
CA LYS B 195 -20.29 38.66 -12.03
C LYS B 195 -20.75 39.63 -10.95
N ARG B 196 -20.12 39.56 -9.78
CA ARG B 196 -20.54 40.40 -8.65
C ARG B 196 -20.30 41.89 -8.91
N THR B 197 -21.11 42.72 -8.26
CA THR B 197 -21.03 44.17 -8.38
C THR B 197 -20.63 44.82 -7.07
N ASP B 198 -20.25 44.01 -6.07
CA ASP B 198 -19.81 44.56 -4.79
C ASP B 198 -18.30 44.50 -4.69
N ALA B 199 -17.78 44.52 -3.46
CA ALA B 199 -16.34 44.56 -3.25
C ALA B 199 -15.62 43.29 -3.66
N TYR B 200 -16.37 42.25 -4.02
CA TYR B 200 -15.76 40.95 -4.32
C TYR B 200 -15.86 40.58 -5.80
N GLY B 201 -16.24 41.54 -6.64
CA GLY B 201 -16.31 41.27 -8.06
C GLY B 201 -15.98 42.50 -8.89
N GLY B 202 -15.71 42.28 -10.18
CA GLY B 202 -15.41 43.38 -11.08
C GLY B 202 -13.93 43.51 -11.31
N SER B 203 -13.31 44.43 -10.58
CA SER B 203 -11.89 44.71 -10.75
C SER B 203 -11.01 43.53 -10.35
N PHE B 204 -9.74 43.62 -10.71
CA PHE B 204 -8.75 42.64 -10.31
C PHE B 204 -8.62 42.59 -8.78
N ASP B 205 -8.56 43.77 -8.15
CA ASP B 205 -8.49 43.84 -6.69
C ASP B 205 -9.67 43.14 -6.05
N ASN B 206 -10.85 43.37 -6.60
CA ASN B 206 -12.08 42.82 -6.03
C ASN B 206 -12.17 41.31 -6.24
N ARG B 207 -11.79 40.85 -7.42
CA ARG B 207 -11.84 39.41 -7.72
C ARG B 207 -10.81 38.66 -6.89
N SER B 208 -9.71 39.32 -6.58
CA SER B 208 -8.65 38.74 -5.76
C SER B 208 -9.02 38.71 -4.28
N ARG B 209 -9.97 39.56 -3.89
CA ARG B 209 -10.24 39.85 -2.49
C ARG B 209 -10.62 38.64 -1.64
N PHE B 210 -11.49 37.76 -2.15
CA PHE B 210 -11.89 36.60 -1.37
C PHE B 210 -10.67 35.71 -1.09
N LEU B 211 -9.81 35.59 -2.07
CA LEU B 211 -8.65 34.71 -1.95
C LEU B 211 -7.64 35.33 -0.97
N LEU B 212 -7.38 36.63 -1.12
CA LEU B 212 -6.42 37.28 -0.23
C LEU B 212 -6.94 37.35 1.20
N GLU B 213 -8.23 37.61 1.38
CA GLU B 213 -8.79 37.69 2.73
C GLU B 213 -8.80 36.31 3.39
N THR B 214 -9.09 35.28 2.61
CA THR B 214 -9.10 33.92 3.15
C THR B 214 -7.68 33.53 3.57
N LEU B 215 -6.71 33.81 2.70
CA LEU B 215 -5.31 33.56 3.04
C LEU B 215 -4.92 34.31 4.30
N ALA B 216 -5.27 35.58 4.39
CA ALA B 216 -4.88 36.40 5.54
C ALA B 216 -5.50 35.88 6.84
N ALA B 217 -6.75 35.43 6.75
CA ALA B 217 -7.46 34.92 7.92
C ALA B 217 -6.84 33.60 8.38
N VAL B 218 -6.45 32.77 7.42
CA VAL B 218 -5.81 31.50 7.76
C VAL B 218 -4.41 31.76 8.33
N ARG B 219 -3.71 32.75 7.76
CA ARG B 219 -2.37 33.09 8.19
CA ARG B 219 -2.36 33.11 8.19
C ARG B 219 -2.33 33.45 9.68
N GLU B 220 -3.43 33.99 10.19
CA GLU B 220 -3.50 34.37 11.60
C GLU B 220 -3.47 33.17 12.55
N VAL B 221 -3.96 32.02 12.10
CA VAL B 221 -4.05 30.86 12.99
C VAL B 221 -3.07 29.74 12.63
N TRP B 222 -2.58 29.73 11.39
CA TRP B 222 -1.63 28.70 10.99
C TRP B 222 -0.23 29.08 11.45
N PRO B 223 0.50 28.14 12.07
CA PRO B 223 1.82 28.46 12.63
C PRO B 223 2.78 29.06 11.60
N GLU B 224 3.52 30.10 11.99
CA GLU B 224 4.48 30.73 11.10
C GLU B 224 5.60 29.77 10.69
N ASN B 225 5.86 28.75 11.52
CA ASN B 225 6.98 27.85 11.25
C ASN B 225 6.59 26.62 10.43
N LEU B 226 5.34 26.55 9.98
CA LEU B 226 4.91 25.45 9.10
C LEU B 226 4.48 26.02 7.76
N PRO B 227 4.87 25.35 6.65
CA PRO B 227 4.53 25.89 5.33
C PRO B 227 3.05 26.16 5.13
N LEU B 228 2.78 27.38 4.67
CA LEU B 228 1.45 27.82 4.27
C LEU B 228 1.42 27.93 2.74
N THR B 229 0.65 27.08 2.09
CA THR B 229 0.65 27.02 0.64
C THR B 229 -0.76 27.11 0.08
N ALA B 230 -0.86 27.22 -1.24
CA ALA B 230 -2.16 27.26 -1.90
C ALA B 230 -1.99 26.68 -3.29
N ARG B 231 -3.09 26.11 -3.81
CA ARG B 231 -3.13 25.68 -5.21
C ARG B 231 -3.99 26.67 -5.97
N PHE B 232 -3.54 27.10 -7.14
CA PHE B 232 -4.22 28.14 -7.88
C PHE B 232 -4.09 27.87 -9.37
N GLY B 233 -5.21 27.93 -10.08
CA GLY B 233 -5.20 27.80 -11.53
C GLY B 233 -4.81 29.10 -12.19
N VAL B 234 -3.66 29.14 -12.85
CA VAL B 234 -3.11 30.40 -13.33
C VAL B 234 -3.51 30.73 -14.77
N LEU B 235 -4.14 29.78 -15.46
CA LEU B 235 -4.73 30.06 -16.78
C LEU B 235 -5.83 29.03 -17.05
N GLU B 236 -6.65 29.30 -18.07
CA GLU B 236 -7.82 28.46 -18.33
C GLU B 236 -7.76 27.76 -19.69
N TYR B 237 -6.84 28.18 -20.55
CA TYR B 237 -6.81 27.75 -21.95
C TYR B 237 -8.16 28.07 -22.61
N ASP B 238 -8.59 29.32 -22.41
CA ASP B 238 -9.88 29.83 -22.88
C ASP B 238 -9.73 30.96 -23.89
N GLY B 239 -8.56 31.07 -24.51
CA GLY B 239 -8.29 32.14 -25.45
C GLY B 239 -7.92 33.47 -24.81
N ARG B 240 -7.83 33.47 -23.48
CA ARG B 240 -7.48 34.65 -22.70
CA ARG B 240 -7.48 34.65 -22.70
C ARG B 240 -6.20 34.42 -21.91
N ASP B 241 -5.36 33.51 -22.39
CA ASP B 241 -4.23 33.04 -21.57
C ASP B 241 -3.17 34.09 -21.20
N GLU B 242 -2.81 34.97 -22.12
CA GLU B 242 -1.73 35.90 -21.78
C GLU B 242 -2.16 36.89 -20.71
N GLN B 243 -3.37 37.44 -20.86
CA GLN B 243 -3.90 38.37 -19.85
C GLN B 243 -4.15 37.65 -18.52
N THR B 244 -4.68 36.43 -18.59
CA THR B 244 -5.01 35.68 -17.39
C THR B 244 -3.76 35.27 -16.62
N LEU B 245 -2.73 34.82 -17.34
CA LEU B 245 -1.45 34.52 -16.71
C LEU B 245 -0.84 35.73 -16.02
N GLU B 246 -0.90 36.88 -16.68
CA GLU B 246 -0.35 38.09 -16.13
C GLU B 246 -1.03 38.44 -14.81
N GLU B 247 -2.36 38.38 -14.81
CA GLU B 247 -3.13 38.66 -13.60
C GLU B 247 -2.85 37.63 -12.51
N SER B 248 -2.83 36.35 -12.88
CA SER B 248 -2.59 35.28 -11.93
C SER B 248 -1.23 35.40 -11.27
N ILE B 249 -0.23 35.77 -12.07
CA ILE B 249 1.11 35.93 -11.55
C ILE B 249 1.16 37.14 -10.62
N GLU B 250 0.42 38.19 -10.95
CA GLU B 250 0.34 39.33 -10.03
C GLU B 250 -0.30 38.90 -8.71
N LEU B 251 -1.35 38.07 -8.79
CA LEU B 251 -1.97 37.58 -7.57
C LEU B 251 -0.98 36.74 -6.75
N ALA B 252 -0.15 35.95 -7.44
CA ALA B 252 0.89 35.18 -6.74
C ALA B 252 1.88 36.10 -6.00
N ARG B 253 2.21 37.25 -6.57
CA ARG B 253 3.04 38.22 -5.87
C ARG B 253 2.37 38.67 -4.57
N ARG B 254 1.06 38.89 -4.64
CA ARG B 254 0.31 39.36 -3.48
CA ARG B 254 0.31 39.36 -3.48
C ARG B 254 0.17 38.24 -2.45
N PHE B 255 0.10 36.99 -2.92
CA PHE B 255 0.09 35.86 -2.02
C PHE B 255 1.39 35.82 -1.23
N LYS B 256 2.51 36.01 -1.94
CA LYS B 256 3.81 36.02 -1.28
C LYS B 256 3.89 37.16 -0.27
N ALA B 257 3.36 38.33 -0.64
CA ALA B 257 3.35 39.46 0.28
C ALA B 257 2.49 39.16 1.49
N GLY B 258 1.52 38.25 1.31
CA GLY B 258 0.65 37.80 2.37
C GLY B 258 1.11 36.56 3.12
N GLY B 259 2.37 36.16 2.94
CA GLY B 259 2.95 35.09 3.74
C GLY B 259 2.89 33.69 3.16
N LEU B 260 2.48 33.58 1.90
CA LEU B 260 2.46 32.26 1.25
C LEU B 260 3.89 31.78 1.05
N ASP B 261 4.14 30.51 1.39
CA ASP B 261 5.49 29.94 1.31
C ASP B 261 5.78 29.22 0.00
N LEU B 262 4.73 28.73 -0.65
CA LEU B 262 4.87 27.93 -1.88
C LEU B 262 3.53 27.91 -2.60
N LEU B 263 3.58 27.95 -3.92
CA LEU B 263 2.37 27.90 -4.75
C LEU B 263 2.36 26.65 -5.62
N SER B 264 1.27 25.89 -5.48
CA SER B 264 1.01 24.77 -6.37
C SER B 264 0.31 25.32 -7.61
N VAL B 265 1.02 25.32 -8.73
CA VAL B 265 0.56 25.93 -9.97
C VAL B 265 -0.28 24.97 -10.78
N SER B 266 -1.50 25.36 -11.10
CA SER B 266 -2.40 24.47 -11.83
C SER B 266 -3.17 25.21 -12.91
N VAL B 267 -4.22 24.54 -13.40
CA VAL B 267 -5.14 25.06 -14.41
C VAL B 267 -6.47 25.42 -13.73
N GLY B 268 -7.18 26.40 -14.28
CA GLY B 268 -8.40 26.88 -13.67
C GLY B 268 -9.58 25.91 -13.67
N PHE B 269 -9.82 25.25 -14.79
CA PHE B 269 -11.01 24.40 -14.97
C PHE B 269 -12.30 25.11 -14.53
N THR B 270 -12.38 26.42 -14.74
CA THR B 270 -13.52 27.19 -14.24
C THR B 270 -14.77 26.97 -15.11
N ILE B 271 -14.56 26.77 -16.40
CA ILE B 271 -15.63 26.56 -17.36
C ILE B 271 -15.26 25.37 -18.25
N PRO B 272 -16.26 24.74 -18.89
CA PRO B 272 -15.98 23.62 -19.78
C PRO B 272 -15.49 24.02 -21.18
N GLU B 273 -15.77 25.26 -21.61
CA GLU B 273 -15.44 25.68 -22.97
C GLU B 273 -13.98 26.09 -23.11
N THR B 274 -13.09 25.11 -23.03
CA THR B 274 -11.66 25.37 -23.06
C THR B 274 -10.95 24.39 -23.98
N ASN B 275 -9.66 24.62 -24.19
CA ASN B 275 -8.86 23.71 -25.02
C ASN B 275 -7.51 23.47 -24.37
N ILE B 276 -7.49 22.59 -23.38
CA ILE B 276 -6.30 22.32 -22.60
C ILE B 276 -5.39 21.36 -23.37
N PRO B 277 -4.13 21.77 -23.58
CA PRO B 277 -3.14 21.02 -24.36
C PRO B 277 -2.45 19.96 -23.50
N TRP B 278 -3.23 18.99 -23.03
CA TRP B 278 -2.71 17.88 -22.22
C TRP B 278 -1.50 17.25 -22.86
N GLY B 279 -0.48 16.99 -22.04
CA GLY B 279 0.71 16.33 -22.52
C GLY B 279 1.63 16.10 -21.34
N PRO B 280 2.65 15.25 -21.52
CA PRO B 280 3.55 15.01 -20.39
C PRO B 280 4.29 16.29 -19.97
N ALA B 281 4.20 16.64 -18.69
CA ALA B 281 4.87 17.81 -18.14
C ALA B 281 4.46 19.12 -18.81
N PHE B 282 3.23 19.19 -19.34
CA PHE B 282 2.86 20.37 -20.13
C PHE B 282 2.82 21.66 -19.29
N MET B 283 2.65 21.51 -17.97
CA MET B 283 2.63 22.68 -17.07
C MET B 283 4.02 23.18 -16.68
N GLY B 284 5.07 22.44 -17.02
CA GLY B 284 6.43 22.81 -16.66
C GLY B 284 6.84 24.25 -16.95
N PRO B 285 6.68 24.68 -18.21
CA PRO B 285 7.02 26.07 -18.57
C PRO B 285 6.14 27.11 -17.87
N ILE B 286 4.87 26.80 -17.61
CA ILE B 286 4.00 27.73 -16.91
C ILE B 286 4.47 27.89 -15.47
N ALA B 287 4.70 26.76 -14.81
CA ALA B 287 5.20 26.78 -13.45
C ALA B 287 6.52 27.55 -13.33
N GLU B 288 7.40 27.38 -14.32
CA GLU B 288 8.70 28.06 -14.33
C GLU B 288 8.52 29.57 -14.38
N ARG B 289 7.59 30.01 -15.22
CA ARG B 289 7.33 31.43 -15.34
C ARG B 289 6.78 32.01 -14.03
N VAL B 290 5.86 31.29 -13.40
CA VAL B 290 5.31 31.76 -12.11
C VAL B 290 6.42 31.82 -11.06
N ARG B 291 7.18 30.74 -10.96
CA ARG B 291 8.31 30.70 -10.02
C ARG B 291 9.24 31.89 -10.22
N ARG B 292 9.62 32.14 -11.46
CA ARG B 292 10.61 33.17 -11.76
C ARG B 292 10.04 34.59 -11.58
N GLU B 293 8.81 34.82 -12.05
CA GLU B 293 8.24 36.17 -12.04
C GLU B 293 7.64 36.55 -10.68
N ALA B 294 7.06 35.60 -9.96
CA ALA B 294 6.50 35.89 -8.65
C ALA B 294 7.52 35.65 -7.53
N LYS B 295 8.64 35.02 -7.89
CA LYS B 295 9.76 34.81 -6.97
C LYS B 295 9.31 34.02 -5.75
N LEU B 296 8.69 32.87 -6.01
CA LEU B 296 8.08 32.03 -5.00
C LEU B 296 8.34 30.58 -5.38
N PRO B 297 8.60 29.72 -4.39
CA PRO B 297 8.75 28.29 -4.69
C PRO B 297 7.46 27.74 -5.29
N VAL B 298 7.56 26.77 -6.19
CA VAL B 298 6.36 26.19 -6.79
C VAL B 298 6.44 24.68 -6.88
N THR B 299 5.27 24.07 -6.99
CA THR B 299 5.18 22.71 -7.49
C THR B 299 4.14 22.69 -8.61
N SER B 300 4.14 21.62 -9.40
CA SER B 300 3.06 21.44 -10.36
C SER B 300 2.92 19.96 -10.64
N ALA B 301 1.97 19.61 -11.50
CA ALA B 301 1.63 18.21 -11.77
C ALA B 301 1.24 18.03 -13.22
N TRP B 302 0.87 16.79 -13.54
CA TRP B 302 0.38 16.27 -14.84
C TRP B 302 1.49 15.66 -15.67
N GLY B 303 1.65 14.35 -15.54
CA GLY B 303 2.57 13.60 -16.37
C GLY B 303 3.98 13.40 -15.84
N PHE B 304 4.23 13.78 -14.60
CA PHE B 304 5.58 13.68 -14.07
C PHE B 304 5.90 12.29 -13.50
N GLY B 305 5.01 11.32 -13.74
CA GLY B 305 5.26 9.94 -13.35
C GLY B 305 6.37 9.24 -14.13
N THR B 306 6.82 9.88 -15.20
CA THR B 306 8.01 9.41 -15.91
C THR B 306 9.20 10.03 -15.18
N PRO B 307 9.99 9.21 -14.47
CA PRO B 307 11.02 9.77 -13.56
C PRO B 307 11.98 10.76 -14.25
N GLN B 308 12.34 10.50 -15.50
CA GLN B 308 13.22 11.40 -16.22
C GLN B 308 12.61 12.80 -16.38
N LEU B 309 11.29 12.87 -16.53
CA LEU B 309 10.60 14.16 -16.67
C LEU B 309 10.64 14.95 -15.37
N ALA B 310 10.42 14.25 -14.26
CA ALA B 310 10.50 14.85 -12.94
C ALA B 310 11.90 15.42 -12.71
N GLU B 311 12.91 14.61 -13.02
CA GLU B 311 14.29 15.02 -12.82
C GLU B 311 14.65 16.23 -13.69
N ALA B 312 14.23 16.21 -14.96
CA ALA B 312 14.51 17.31 -15.88
C ALA B 312 13.86 18.62 -15.43
N ALA B 313 12.66 18.53 -14.87
CA ALA B 313 11.94 19.71 -14.45
C ALA B 313 12.66 20.40 -13.30
N LEU B 314 13.17 19.60 -12.36
CA LEU B 314 13.98 20.14 -11.26
C LEU B 314 15.33 20.71 -11.74
N GLN B 315 15.98 20.02 -12.67
CA GLN B 315 17.28 20.48 -13.15
C GLN B 315 17.12 21.80 -13.92
N ALA B 316 15.97 22.00 -14.54
CA ALA B 316 15.69 23.22 -15.29
C ALA B 316 15.17 24.34 -14.39
N ASN B 317 15.03 24.04 -13.10
CA ASN B 317 14.45 24.98 -12.12
C ASN B 317 13.08 25.47 -12.54
N GLN B 318 12.28 24.56 -13.07
CA GLN B 318 10.88 24.86 -13.36
C GLN B 318 10.02 24.73 -12.12
N LEU B 319 10.50 23.93 -11.17
CA LEU B 319 9.76 23.48 -10.00
CA LEU B 319 9.78 23.78 -9.92
C LEU B 319 10.71 23.32 -8.81
N ASP B 320 10.18 23.35 -7.59
CA ASP B 320 10.96 23.00 -6.41
C ASP B 320 10.59 21.61 -5.91
N LEU B 321 9.34 21.24 -6.11
CA LEU B 321 8.86 19.89 -5.80
C LEU B 321 8.09 19.39 -7.02
N VAL B 322 8.20 18.09 -7.27
CA VAL B 322 7.45 17.49 -8.36
C VAL B 322 6.29 16.72 -7.77
N SER B 323 5.07 17.09 -8.16
CA SER B 323 3.88 16.37 -7.68
C SER B 323 3.56 15.23 -8.63
N VAL B 324 3.43 14.03 -8.07
CA VAL B 324 3.20 12.82 -8.83
C VAL B 324 1.96 12.14 -8.28
N GLY B 325 0.86 12.18 -9.03
CA GLY B 325 -0.43 11.75 -8.55
C GLY B 325 -0.83 10.36 -8.98
N ARG B 326 -1.33 10.23 -10.20
CA ARG B 326 -1.87 8.96 -10.66
C ARG B 326 -0.86 7.82 -10.60
N ALA B 327 0.42 8.12 -10.79
CA ALA B 327 1.44 7.06 -10.77
C ALA B 327 1.51 6.41 -9.38
N HIS B 328 1.13 7.16 -8.34
CA HIS B 328 1.10 6.64 -6.97
C HIS B 328 -0.17 5.84 -6.67
N LEU B 329 -1.22 6.08 -7.46
CA LEU B 329 -2.41 5.26 -7.37
C LEU B 329 -2.11 3.92 -8.02
N ALA B 330 -1.40 3.97 -9.15
CA ALA B 330 -0.97 2.76 -9.85
C ALA B 330 0.00 1.95 -9.01
N ASP B 331 0.95 2.63 -8.41
CA ASP B 331 2.04 2.02 -7.63
C ASP B 331 2.31 2.89 -6.40
N PRO B 332 1.85 2.47 -5.20
CA PRO B 332 2.08 3.27 -4.00
C PRO B 332 3.56 3.46 -3.67
N HIS B 333 4.42 2.62 -4.26
CA HIS B 333 5.85 2.73 -4.05
C HIS B 333 6.55 3.40 -5.22
N TRP B 334 5.86 4.32 -5.92
CA TRP B 334 6.45 4.96 -7.10
C TRP B 334 7.78 5.62 -6.80
N ALA B 335 7.91 6.22 -5.62
CA ALA B 335 9.17 6.89 -5.27
C ALA B 335 10.35 5.91 -5.36
N TYR B 336 10.15 4.69 -4.91
CA TYR B 336 11.16 3.64 -5.04
C TYR B 336 11.45 3.33 -6.51
N PHE B 337 10.39 3.22 -7.30
CA PHE B 337 10.52 2.98 -8.74
C PHE B 337 11.35 4.10 -9.39
N ALA B 338 11.09 5.34 -8.98
CA ALA B 338 11.83 6.47 -9.54
C ALA B 338 13.30 6.44 -9.12
N ALA B 339 13.56 6.08 -7.88
CA ALA B 339 14.94 5.97 -7.40
C ALA B 339 15.74 4.94 -8.22
N LYS B 340 15.13 3.79 -8.49
CA LYS B 340 15.75 2.77 -9.34
C LYS B 340 16.00 3.29 -10.75
N GLU B 341 14.97 3.92 -11.32
CA GLU B 341 15.03 4.38 -12.70
C GLU B 341 16.12 5.45 -12.87
N LEU B 342 16.30 6.29 -11.86
CA LEU B 342 17.27 7.39 -11.94
C LEU B 342 18.65 6.98 -11.41
N GLY B 343 18.79 5.71 -11.02
CA GLY B 343 20.09 5.19 -10.61
C GLY B 343 20.60 5.69 -9.28
N VAL B 344 19.68 5.97 -8.37
CA VAL B 344 20.02 6.41 -7.03
C VAL B 344 20.73 5.31 -6.28
N GLU B 345 21.81 5.65 -5.58
CA GLU B 345 22.55 4.67 -4.81
C GLU B 345 21.66 4.12 -3.69
N LYS B 346 21.70 2.81 -3.49
CA LYS B 346 20.89 2.16 -2.47
C LYS B 346 19.41 2.53 -2.65
N ALA B 347 18.93 2.43 -3.88
CA ALA B 347 17.58 2.81 -4.23
C ALA B 347 16.52 2.06 -3.41
N SER B 348 16.77 0.82 -3.03
CA SER B 348 15.75 0.07 -2.32
C SER B 348 15.47 0.65 -0.93
N TRP B 349 16.43 1.38 -0.37
CA TRP B 349 16.25 1.97 0.96
C TRP B 349 15.46 3.27 0.91
N THR B 350 14.91 3.56 -0.27
CA THR B 350 13.80 4.48 -0.39
C THR B 350 12.63 3.92 0.42
N LEU B 351 12.55 2.59 0.50
CA LEU B 351 11.52 1.88 1.24
C LEU B 351 11.96 1.52 2.66
N PRO B 352 11.01 1.17 3.54
CA PRO B 352 11.42 0.70 4.88
C PRO B 352 12.14 -0.65 4.82
N ALA B 353 12.90 -0.94 5.87
CA ALA B 353 13.74 -2.15 5.94
C ALA B 353 13.06 -3.48 5.55
N PRO B 354 11.80 -3.72 5.98
CA PRO B 354 11.25 -5.04 5.64
C PRO B 354 11.05 -5.27 4.14
N TYR B 355 11.11 -4.19 3.37
CA TYR B 355 11.11 -4.28 1.91
C TYR B 355 12.53 -4.08 1.37
N ALA B 356 13.20 -3.01 1.84
CA ALA B 356 14.48 -2.59 1.31
C ALA B 356 15.56 -3.67 1.38
N HIS B 357 15.55 -4.43 2.47
CA HIS B 357 16.56 -5.44 2.67
C HIS B 357 16.54 -6.48 1.55
N TRP B 358 15.35 -6.81 1.10
CA TRP B 358 15.16 -7.91 0.15
C TRP B 358 15.22 -7.45 -1.30
N LEU B 359 15.10 -6.14 -1.51
CA LEU B 359 15.08 -5.61 -2.86
C LEU B 359 16.42 -5.04 -3.29
N GLU B 360 17.40 -5.03 -2.40
CA GLU B 360 18.73 -4.57 -2.79
C GLU B 360 19.54 -5.72 -3.36
#